data_8D4A
#
_entry.id   8D4A
#
_cell.length_a   1.00
_cell.length_b   1.00
_cell.length_c   1.00
_cell.angle_alpha   90.00
_cell.angle_beta   90.00
_cell.angle_gamma   90.00
#
_symmetry.space_group_name_H-M   'P 1'
#
loop_
_entity.id
_entity.type
_entity.pdbx_description
1 polymer 'OrfB_Zn_ribbon domain-containing protein'
2 polymer 'RNA (41-MER)'
3 polymer 'RNA (28-MER)'
4 polymer "DNA (5'-D(P*TP*TP*TP*TP*TP*TP*TP*TP*TP*TP*T)-3')"
5 polymer "DNA (5'-D(P*AP*AP*AP*AP*AP*AP*AP*AP*AP*AP*A)-3')"
6 non-polymer 'ZINC ION'
7 non-polymer 'MAGNESIUM ION'
8 water water
#
loop_
_entity_poly.entity_id
_entity_poly.type
_entity_poly.pdbx_seq_one_letter_code
_entity_poly.pdbx_strand_id
1 'polypeptide(L)'
;MLHAFTNQYQLSKTLRFGATLKEDEKKCKSHEELKGFVDISYENMKSSATIAESLNENELVKKCERCYSEIVKFHNAWEK
IYYRTDQIAVYKDFYRQLSRKARFDAGKQNSQLITLASLCGMYQGAKLSRYITNYWKDNITRQKSFLKDFSQQLHQYTRA
LEKSDKAHTKPNLINFNKTFMVLANLVNEIVIPLSNGAISFPNISKLEDGEESHLIEFALNDYSQLSELIGELKDAIATN
GGYTPFAKVTLNHYTAEQKPHVFKNDIDAKIRELKLIGLVETLKGKSSEQIEEYFSNLDKFSTYNDRNQSVIVRTQCFKY
KPIPFLVKHQLAKYISEPNGWDEDAVAKVLDAVGAIRSPAHDYANNQEGFDLNHYPIKVAFDYAWEQLANSLYTTVTFPQ
EMCEKYLNSIYGCEVSKEPVFKFYADLLYIRKNLAVLEHKNNLPSNQEEFICKINNTFENIVLPYKISQFETYKKDILAW
INDGHDHKKYTDAKQQLGFIRGGLKGRIKAEEVSQKDKYGKIKSYYENPYTKLTNEFKQISSTYGKTFAELRDKFKEKNE
ITKITHFGIIIEDKNRDRYLLASELKHEQINHVSTILNKLDKSSEFITYQVKSLTSKTLIKLIKNHTTKKGAISPYADFH
TSKTGFNKNEIEKNWDNYKREQVLVEYVKDCLTDSTMAKNQNWAEFGWNFEKCNSYEDIEHEIDQKSYLLQSDTISKQSI
ASLVEGGCLLLPIINQDITSKERKDKNQFSKDWNHIFEGSKEFRLHPEFAVSYRTPIEGYPVQKRYGRLQFVCAFNAHIV
PQNGEFINLKKQIENFNDEDVQKRNVTEFNKKVNHALSDKEYVVIGIDRGLKQLATLCVLDKRGKILGDFEIYKKEFVRA
EKRSESHWEHTQAETRHILDLSNLRVETTIEGKKVLVDQSLTLVKKNRDTPDEEATEENKQKIKLKQLSYIRKLQHKMQT
NEQDVLDLINNEPSDEEFKKRIEGLISSFGEGQKYADLPINTMREMISDLQGVIARGNNQTEKNKIIELDAADNLKQGIV
ANMIGIVNYIFAKYSYKAYISLEDLSRAYGGAKSGYDGRYLPSTSQDEDVDFKEQQNQMLAGLGTYQFFEMQLLKKLQKI
QSDNTVLRFVPAFRSADNYRNILRLEETKYKSKPFGVVHFIDPKFTSKKCPVCSKTNVYRDKDDILVCKECGFRSDSQLK
ERENNIHYIHNGDDNGAYHIALKSVENLIQMK
;
A
2 'polyribonucleotide' AUUUCUACUAUUGUAGAUUGGAGCAACACCUGAAGAAGGCU B
3 'polyribonucleotide' AGCCUUCUUCAGGUGUUGCUUUAGAAAG C
4 'polydeoxyribonucleotide' (DT)(DT)(DT)(DT)(DT)(DT)(DT)(DT)(DT)(DT)(DT) D
5 'polydeoxyribonucleotide' (DA)(DA)(DA)(DA)(DA)(DA)(DA)(DA)(DA)(DA)(DA) G
#
# COMPACT_ATOMS: atom_id res chain seq x y z
N MET A 1 -13.16 -7.92 -33.73
CA MET A 1 -13.12 -6.54 -34.20
C MET A 1 -13.00 -5.55 -33.04
N LEU A 2 -13.74 -4.44 -33.12
CA LEU A 2 -13.66 -3.41 -32.08
C LEU A 2 -14.20 -3.90 -30.75
N HIS A 3 -15.02 -4.96 -30.76
CA HIS A 3 -15.50 -5.52 -29.50
C HIS A 3 -14.42 -6.31 -28.77
N ALA A 4 -13.26 -6.54 -29.42
CA ALA A 4 -12.14 -7.13 -28.71
C ALA A 4 -11.42 -6.12 -27.82
N PHE A 5 -11.74 -4.84 -27.95
CA PHE A 5 -11.13 -3.80 -27.12
C PHE A 5 -12.08 -3.25 -26.06
N THR A 6 -13.16 -3.94 -25.75
CA THR A 6 -14.00 -3.56 -24.64
C THR A 6 -13.57 -4.31 -23.38
N ASN A 7 -13.94 -3.75 -22.23
CA ASN A 7 -13.53 -4.32 -20.95
C ASN A 7 -14.55 -5.36 -20.49
N GLN A 8 -14.06 -6.52 -20.06
CA GLN A 8 -14.89 -7.58 -19.52
C GLN A 8 -14.60 -7.86 -18.05
N TYR A 9 -13.84 -7.00 -17.38
CA TYR A 9 -13.44 -7.22 -16.00
C TYR A 9 -14.13 -6.20 -15.10
N GLN A 10 -14.58 -6.68 -13.93
CA GLN A 10 -15.09 -5.78 -12.92
C GLN A 10 -13.96 -5.01 -12.28
N LEU A 11 -14.15 -3.69 -12.13
CA LEU A 11 -13.11 -2.81 -11.62
C LEU A 11 -13.63 -2.00 -10.45
N SER A 12 -12.84 -1.90 -9.39
CA SER A 12 -13.15 -0.99 -8.29
C SER A 12 -12.37 0.29 -8.45
N LYS A 13 -12.91 1.36 -7.86
CA LYS A 13 -12.36 2.70 -8.04
C LYS A 13 -12.82 3.55 -6.87
N THR A 14 -11.89 4.19 -6.19
CA THR A 14 -12.24 5.07 -5.08
C THR A 14 -12.27 6.52 -5.56
N LEU A 15 -13.41 7.17 -5.37
CA LEU A 15 -13.61 8.57 -5.76
C LEU A 15 -13.70 9.38 -4.48
N ARG A 16 -12.55 9.89 -4.01
CA ARG A 16 -12.55 10.70 -2.80
C ARG A 16 -13.14 12.07 -3.10
N PHE A 17 -13.90 12.59 -2.15
CA PHE A 17 -14.52 13.90 -2.26
C PHE A 17 -14.31 14.66 -0.96
N GLY A 18 -14.33 15.98 -1.06
CA GLY A 18 -14.31 16.80 0.12
C GLY A 18 -15.66 16.83 0.80
N ALA A 19 -15.63 17.05 2.11
CA ALA A 19 -16.86 17.20 2.87
C ALA A 19 -16.83 18.42 3.78
N THR A 20 -15.94 19.37 3.51
CA THR A 20 -15.85 20.62 4.25
C THR A 20 -15.93 21.78 3.28
N LEU A 21 -16.81 22.74 3.55
CA LEU A 21 -16.98 23.88 2.67
C LEU A 21 -15.88 24.91 2.89
N LYS A 22 -15.17 25.25 1.81
CA LYS A 22 -14.23 26.35 1.85
C LYS A 22 -15.00 27.66 1.72
N GLU A 23 -14.71 28.60 2.61
CA GLU A 23 -15.48 29.83 2.73
C GLU A 23 -14.62 31.06 2.47
N ASP A 24 -13.86 31.01 1.39
CA ASP A 24 -13.02 32.12 0.97
C ASP A 24 -13.81 33.09 0.08
N GLU A 25 -13.18 34.21 -0.24
CA GLU A 25 -13.75 35.16 -1.20
C GLU A 25 -13.30 34.89 -2.63
N LYS A 26 -12.34 34.00 -2.82
CA LYS A 26 -11.92 33.54 -4.14
C LYS A 26 -12.34 32.10 -4.39
N LYS A 27 -13.41 31.67 -3.72
CA LYS A 27 -14.04 30.38 -3.92
C LYS A 27 -15.52 30.64 -4.12
N CYS A 28 -16.10 30.03 -5.15
CA CYS A 28 -17.52 30.20 -5.41
C CYS A 28 -18.34 29.46 -4.36
N LYS A 29 -19.37 30.12 -3.85
CA LYS A 29 -20.23 29.51 -2.84
C LYS A 29 -21.09 28.42 -3.46
N SER A 30 -21.17 27.30 -2.76
CA SER A 30 -22.03 26.20 -3.14
C SER A 30 -22.76 25.72 -1.90
N HIS A 31 -23.73 24.84 -2.11
CA HIS A 31 -24.54 24.23 -1.04
C HIS A 31 -25.22 25.28 -0.17
N GLU A 32 -25.88 26.25 -0.80
CA GLU A 32 -26.43 27.37 -0.05
C GLU A 32 -27.81 27.08 0.54
N GLU A 33 -28.56 26.16 -0.07
CA GLU A 33 -29.95 25.99 0.33
C GLU A 33 -30.09 25.16 1.61
N LEU A 34 -29.05 24.42 1.98
CA LEU A 34 -29.01 23.75 3.28
C LEU A 34 -27.74 24.15 4.04
N LYS A 35 -27.33 25.40 3.91
CA LYS A 35 -26.07 25.86 4.51
C LYS A 35 -26.15 25.90 6.03
N GLY A 36 -27.31 26.26 6.58
CA GLY A 36 -27.44 26.31 8.02
C GLY A 36 -27.33 24.94 8.68
N PHE A 37 -27.93 23.93 8.07
CA PHE A 37 -27.81 22.57 8.58
C PHE A 37 -26.41 22.01 8.37
N VAL A 38 -25.74 22.39 7.28
CA VAL A 38 -24.35 22.01 7.08
C VAL A 38 -23.46 22.61 8.17
N ASP A 39 -23.71 23.86 8.53
CA ASP A 39 -22.94 24.51 9.60
C ASP A 39 -23.21 23.85 10.96
N ILE A 40 -24.47 23.52 11.23
CA ILE A 40 -24.82 22.84 12.48
C ILE A 40 -24.15 21.47 12.55
N SER A 41 -24.20 20.72 11.46
CA SER A 41 -23.60 19.39 11.43
C SER A 41 -22.08 19.48 11.53
N TYR A 42 -21.48 20.52 10.94
CA TYR A 42 -20.04 20.68 11.03
C TYR A 42 -19.61 21.02 12.45
N GLU A 43 -20.40 21.84 13.14
CA GLU A 43 -20.10 22.10 14.56
C GLU A 43 -20.27 20.85 15.40
N ASN A 44 -21.22 19.99 15.03
CA ASN A 44 -21.38 18.73 15.77
C ASN A 44 -20.21 17.78 15.50
N MET A 45 -19.72 17.74 14.25
CA MET A 45 -18.63 16.84 13.92
C MET A 45 -17.29 17.36 14.44
N LYS A 46 -17.12 18.68 14.47
CA LYS A 46 -15.86 19.25 14.95
C LYS A 46 -15.70 19.02 16.45
N SER A 47 -16.81 18.89 17.18
CA SER A 47 -16.74 18.66 18.62
C SER A 47 -16.16 17.30 18.96
N SER A 48 -16.54 16.25 18.22
CA SER A 48 -16.16 14.89 18.57
C SER A 48 -14.98 14.38 17.76
N ALA A 49 -14.18 15.28 17.21
CA ALA A 49 -12.93 14.93 16.53
C ALA A 49 -11.75 15.42 17.35
N THR A 50 -10.61 14.76 17.16
CA THR A 50 -9.38 15.15 17.85
C THR A 50 -8.81 16.44 17.28
N GLU A 57 6.41 7.43 22.52
CA GLU A 57 6.03 6.07 22.90
C GLU A 57 5.79 5.99 24.41
N ASN A 58 6.32 6.96 25.16
CA ASN A 58 6.07 6.97 26.59
C ASN A 58 4.67 7.44 26.91
N GLU A 59 4.20 8.49 26.21
CA GLU A 59 2.87 9.02 26.47
C GLU A 59 1.78 8.03 26.05
N LEU A 60 1.97 7.38 24.89
CA LEU A 60 1.01 6.39 24.40
C LEU A 60 0.84 5.26 25.41
N VAL A 61 1.92 4.86 26.06
CA VAL A 61 1.88 3.68 26.90
C VAL A 61 1.47 4.03 28.32
N LYS A 62 1.73 5.26 28.76
CA LYS A 62 1.08 5.72 29.99
C LYS A 62 -0.44 5.79 29.80
N LYS A 63 -0.88 6.28 28.64
CA LYS A 63 -2.30 6.29 28.32
C LYS A 63 -2.88 4.88 28.26
N CYS A 64 -2.10 3.94 27.69
CA CYS A 64 -2.53 2.55 27.62
C CYS A 64 -2.62 1.92 29.00
N GLU A 65 -1.70 2.27 29.91
CA GLU A 65 -1.79 1.76 31.28
C GLU A 65 -3.02 2.28 32.00
N ARG A 66 -3.33 3.56 31.85
CA ARG A 66 -4.52 4.10 32.50
C ARG A 66 -5.79 3.47 31.93
N CYS A 67 -5.85 3.33 30.60
CA CYS A 67 -7.01 2.69 29.98
C CYS A 67 -7.12 1.24 30.39
N TYR A 68 -5.98 0.55 30.51
CA TYR A 68 -5.99 -0.85 30.94
C TYR A 68 -6.52 -1.00 32.36
N SER A 69 -6.08 -0.12 33.27
CA SER A 69 -6.54 -0.20 34.65
C SER A 69 -8.03 0.08 34.76
N GLU A 70 -8.52 1.08 34.02
CA GLU A 70 -9.96 1.38 34.02
C GLU A 70 -10.77 0.24 33.41
N ILE A 71 -10.27 -0.38 32.33
CA ILE A 71 -10.94 -1.49 31.70
C ILE A 71 -10.98 -2.71 32.62
N VAL A 72 -9.90 -2.97 33.36
CA VAL A 72 -9.88 -4.09 34.30
C VAL A 72 -10.87 -3.84 35.43
N LYS A 73 -10.95 -2.61 35.91
CA LYS A 73 -11.92 -2.27 36.95
C LYS A 73 -13.35 -2.48 36.47
N PHE A 74 -13.66 -2.02 35.25
CA PHE A 74 -14.98 -2.23 34.67
C PHE A 74 -15.28 -3.71 34.50
N HIS A 75 -14.30 -4.47 33.99
CA HIS A 75 -14.48 -5.88 33.70
C HIS A 75 -14.72 -6.67 34.96
N ASN A 76 -13.99 -6.36 36.03
CA ASN A 76 -14.18 -7.06 37.29
C ASN A 76 -15.51 -6.70 37.94
N ALA A 77 -15.97 -5.45 37.78
CA ALA A 77 -17.26 -5.09 38.32
C ALA A 77 -18.40 -5.68 37.50
N TRP A 78 -18.29 -5.65 36.17
CA TRP A 78 -19.36 -6.11 35.30
C TRP A 78 -19.53 -7.63 35.35
N GLU A 79 -18.48 -8.34 35.72
CA GLU A 79 -18.51 -9.79 35.72
C GLU A 79 -19.40 -10.35 36.82
N LYS A 80 -19.73 -9.54 37.82
CA LYS A 80 -20.58 -9.95 38.92
C LYS A 80 -22.00 -9.45 38.81
N ILE A 81 -22.37 -8.82 37.69
CA ILE A 81 -23.64 -8.12 37.58
C ILE A 81 -24.40 -8.54 36.32
N TYR A 82 -23.67 -9.06 35.34
CA TYR A 82 -24.27 -9.38 34.04
C TYR A 82 -25.38 -10.44 34.14
N TYR A 83 -25.31 -11.31 35.14
CA TYR A 83 -26.26 -12.40 35.30
C TYR A 83 -27.45 -12.02 36.15
N ARG A 84 -27.53 -10.78 36.62
CA ARG A 84 -28.57 -10.35 37.55
C ARG A 84 -29.80 -9.87 36.79
N THR A 85 -30.63 -10.83 36.36
CA THR A 85 -31.80 -10.53 35.55
C THR A 85 -32.87 -9.78 36.34
N ASP A 86 -32.85 -9.86 37.66
CA ASP A 86 -33.82 -9.12 38.47
C ASP A 86 -33.49 -7.65 38.57
N GLN A 87 -32.34 -7.20 38.05
CA GLN A 87 -31.93 -5.81 38.15
C GLN A 87 -31.69 -5.14 36.81
N ILE A 88 -31.39 -5.88 35.76
CA ILE A 88 -31.05 -5.31 34.46
C ILE A 88 -32.30 -5.12 33.63
N ALA A 89 -32.38 -4.01 32.90
CA ALA A 89 -33.40 -3.76 31.89
C ALA A 89 -32.73 -3.26 30.61
N VAL A 90 -33.44 -3.41 29.49
CA VAL A 90 -32.93 -2.97 28.20
C VAL A 90 -34.00 -2.18 27.47
N TYR A 91 -33.56 -1.29 26.58
CA TYR A 91 -34.47 -0.60 25.67
C TYR A 91 -34.97 -1.57 24.61
N LYS A 92 -36.01 -1.14 23.88
CA LYS A 92 -36.66 -2.05 22.93
C LYS A 92 -35.80 -2.26 21.69
N ASP A 93 -35.22 -1.19 21.14
CA ASP A 93 -34.37 -1.34 19.98
C ASP A 93 -33.08 -2.07 20.32
N PHE A 94 -32.51 -1.79 21.50
CA PHE A 94 -31.36 -2.56 21.95
C PHE A 94 -31.72 -4.02 22.14
N TYR A 95 -32.94 -4.31 22.56
CA TYR A 95 -33.40 -5.69 22.69
C TYR A 95 -33.51 -6.36 21.32
N ARG A 96 -33.96 -5.63 20.31
CA ARG A 96 -34.05 -6.20 18.96
C ARG A 96 -32.66 -6.51 18.39
N GLN A 97 -31.72 -5.58 18.56
CA GLN A 97 -30.35 -5.84 18.13
C GLN A 97 -29.72 -6.98 18.93
N LEU A 98 -30.05 -7.09 20.22
CA LEU A 98 -29.57 -8.21 21.02
C LEU A 98 -30.11 -9.53 20.52
N SER A 99 -31.40 -9.55 20.15
CA SER A 99 -32.00 -10.77 19.62
C SER A 99 -31.34 -11.19 18.32
N ARG A 100 -30.94 -10.21 17.50
CA ARG A 100 -30.14 -10.54 16.32
C ARG A 100 -28.77 -11.08 16.72
N LYS A 101 -28.11 -10.45 17.70
CA LYS A 101 -26.73 -10.82 18.01
C LYS A 101 -26.66 -12.12 18.80
N ALA A 102 -27.60 -12.33 19.71
CA ALA A 102 -27.60 -13.51 20.58
C ALA A 102 -28.37 -14.68 19.99
N ARG A 103 -28.87 -14.54 18.77
CA ARG A 103 -29.49 -15.63 17.99
C ARG A 103 -30.74 -16.17 18.67
N PHE A 104 -31.72 -15.30 18.89
CA PHE A 104 -33.02 -15.71 19.37
C PHE A 104 -34.09 -14.78 18.82
N ASP A 105 -35.35 -15.22 18.93
CA ASP A 105 -36.47 -14.46 18.40
C ASP A 105 -36.95 -13.46 19.44
N ALA A 106 -37.12 -12.20 19.00
CA ALA A 106 -37.50 -11.15 19.93
C ALA A 106 -38.92 -11.33 20.43
N GLY A 107 -39.82 -11.82 19.60
CA GLY A 107 -41.20 -11.89 20.03
C GLY A 107 -41.86 -10.52 19.97
N LYS A 108 -42.95 -10.39 20.72
CA LYS A 108 -43.71 -9.16 20.79
C LYS A 108 -43.58 -8.56 22.19
N GLN A 109 -43.14 -7.31 22.25
CA GLN A 109 -42.99 -6.60 23.52
C GLN A 109 -43.88 -5.37 23.51
N ASN A 110 -44.67 -5.21 24.56
CA ASN A 110 -45.59 -4.08 24.69
C ASN A 110 -45.04 -2.98 25.59
N SER A 111 -43.81 -3.10 26.07
CA SER A 111 -43.21 -2.09 26.94
C SER A 111 -42.02 -1.46 26.24
N GLN A 112 -41.77 -0.19 26.56
CA GLN A 112 -40.66 0.51 25.93
C GLN A 112 -39.35 0.21 26.63
N LEU A 113 -39.40 -0.07 27.93
CA LEU A 113 -38.26 -0.51 28.73
C LEU A 113 -38.52 -1.94 29.20
N ILE A 114 -37.80 -2.90 28.63
CA ILE A 114 -38.06 -4.31 28.86
C ILE A 114 -37.07 -4.81 29.91
N THR A 115 -37.56 -5.07 31.11
CA THR A 115 -36.75 -5.70 32.14
C THR A 115 -36.49 -7.15 31.77
N LEU A 116 -35.27 -7.62 32.06
CA LEU A 116 -34.92 -9.00 31.75
C LEU A 116 -35.66 -10.00 32.63
N ALA A 117 -36.21 -9.55 33.75
CA ALA A 117 -37.04 -10.43 34.57
C ALA A 117 -38.35 -10.77 33.87
N SER A 118 -38.78 -9.94 32.92
CA SER A 118 -40.00 -10.18 32.18
C SER A 118 -39.80 -11.12 31.00
N LEU A 119 -38.56 -11.51 30.69
CA LEU A 119 -38.29 -12.46 29.61
C LEU A 119 -38.31 -13.90 30.09
N CYS A 120 -39.37 -14.32 30.77
CA CYS A 120 -39.46 -15.70 31.21
C CYS A 120 -39.94 -16.64 30.12
N GLY A 121 -40.30 -16.11 28.95
CA GLY A 121 -40.76 -16.96 27.87
C GLY A 121 -39.64 -17.83 27.34
N MET A 122 -40.01 -19.04 26.92
CA MET A 122 -39.05 -20.05 26.48
C MET A 122 -38.90 -19.96 24.96
N TYR A 123 -37.66 -19.83 24.50
CA TYR A 123 -37.36 -19.90 23.07
C TYR A 123 -36.46 -21.09 22.81
N GLN A 124 -37.00 -22.08 22.08
CA GLN A 124 -36.24 -23.23 21.60
C GLN A 124 -35.59 -24.02 22.73
N GLY A 125 -36.24 -24.04 23.89
CA GLY A 125 -35.75 -24.80 25.02
C GLY A 125 -35.01 -24.01 26.07
N ALA A 126 -35.00 -22.68 25.99
CA ALA A 126 -34.33 -21.86 26.98
C ALA A 126 -35.07 -20.54 27.14
N LYS A 127 -34.93 -19.93 28.31
CA LYS A 127 -35.55 -18.65 28.58
C LYS A 127 -34.88 -17.56 27.76
N LEU A 128 -35.65 -16.53 27.41
CA LEU A 128 -35.15 -15.48 26.52
C LEU A 128 -34.02 -14.70 27.16
N SER A 129 -34.10 -14.46 28.46
CA SER A 129 -33.03 -13.74 29.15
C SER A 129 -31.79 -14.60 29.32
N ARG A 130 -31.91 -15.92 29.26
CA ARG A 130 -30.73 -16.78 29.30
C ARG A 130 -29.87 -16.61 28.07
N TYR A 131 -30.47 -16.32 26.92
CA TYR A 131 -29.70 -16.02 25.72
C TYR A 131 -28.87 -14.75 25.89
N ILE A 132 -29.48 -13.71 26.47
CA ILE A 132 -28.77 -12.46 26.71
C ILE A 132 -27.64 -12.65 27.70
N THR A 133 -27.91 -13.40 28.78
CA THR A 133 -26.89 -13.66 29.79
C THR A 133 -25.75 -14.50 29.21
N ASN A 134 -26.06 -15.48 28.36
CA ASN A 134 -25.02 -16.27 27.72
C ASN A 134 -24.19 -15.43 26.75
N TYR A 135 -24.84 -14.51 26.04
CA TYR A 135 -24.12 -13.61 25.15
C TYR A 135 -23.14 -12.73 25.93
N TRP A 136 -23.58 -12.17 27.07
CA TRP A 136 -22.69 -11.36 27.87
C TRP A 136 -21.58 -12.17 28.52
N LYS A 137 -21.86 -13.43 28.90
CA LYS A 137 -20.82 -14.30 29.44
C LYS A 137 -19.77 -14.61 28.40
N ASP A 138 -20.18 -14.85 27.16
CA ASP A 138 -19.23 -15.10 26.08
C ASP A 138 -18.38 -13.87 25.81
N ASN A 139 -18.99 -12.69 25.83
CA ASN A 139 -18.22 -11.46 25.67
C ASN A 139 -17.22 -11.26 26.81
N ILE A 140 -17.62 -11.60 28.03
CA ILE A 140 -16.73 -11.47 29.19
C ILE A 140 -15.54 -12.40 29.04
N THR A 141 -15.78 -13.64 28.59
CA THR A 141 -14.68 -14.58 28.38
C THR A 141 -13.72 -14.09 27.30
N ARG A 142 -14.25 -13.59 26.19
CA ARG A 142 -13.40 -13.11 25.11
C ARG A 142 -12.58 -11.91 25.54
N GLN A 143 -13.20 -10.97 26.24
CA GLN A 143 -12.47 -9.78 26.66
C GLN A 143 -11.52 -10.08 27.82
N LYS A 144 -11.76 -11.16 28.57
CA LYS A 144 -10.81 -11.61 29.57
C LYS A 144 -9.55 -12.16 28.92
N SER A 145 -9.73 -12.96 27.86
CA SER A 145 -8.60 -13.46 27.09
C SER A 145 -7.78 -12.32 26.51
N PHE A 146 -8.45 -11.34 25.90
CA PHE A 146 -7.70 -10.23 25.31
C PHE A 146 -7.15 -9.27 26.36
N LEU A 147 -7.73 -9.20 27.54
CA LEU A 147 -7.12 -8.46 28.64
C LEU A 147 -5.81 -9.08 29.06
N LYS A 148 -5.78 -10.42 29.19
CA LYS A 148 -4.53 -11.12 29.50
C LYS A 148 -3.49 -10.88 28.42
N ASP A 149 -3.90 -10.98 27.16
CA ASP A 149 -2.98 -10.80 26.03
C ASP A 149 -2.41 -9.40 25.98
N PHE A 150 -3.25 -8.38 26.21
CA PHE A 150 -2.75 -7.01 26.17
C PHE A 150 -1.91 -6.69 27.40
N SER A 151 -2.25 -7.26 28.55
CA SER A 151 -1.50 -7.00 29.77
C SER A 151 -0.08 -7.54 29.67
N GLN A 152 0.09 -8.70 29.02
CA GLN A 152 1.43 -9.25 28.81
C GLN A 152 2.33 -8.28 28.07
N GLN A 153 1.86 -7.80 26.91
CA GLN A 153 2.63 -6.86 26.10
C GLN A 153 2.83 -5.53 26.83
N LEU A 154 1.79 -5.06 27.53
CA LEU A 154 1.88 -3.77 28.20
C LEU A 154 2.93 -3.79 29.31
N HIS A 155 2.97 -4.88 30.09
CA HIS A 155 3.96 -4.98 31.15
C HIS A 155 5.36 -5.18 30.58
N GLN A 156 5.48 -5.94 29.48
CA GLN A 156 6.76 -6.08 28.79
C GLN A 156 7.29 -4.74 28.31
N TYR A 157 6.43 -3.91 27.73
CA TYR A 157 6.93 -2.72 27.07
C TYR A 157 7.13 -1.62 28.11
N THR A 158 6.36 -1.70 29.21
CA THR A 158 6.59 -0.83 30.36
C THR A 158 7.95 -1.08 31.01
N ARG A 159 8.30 -2.35 31.26
CA ARG A 159 9.61 -2.61 31.83
C ARG A 159 10.72 -2.32 30.83
N ALA A 160 10.42 -2.38 29.53
CA ALA A 160 11.39 -1.96 28.54
C ALA A 160 11.66 -0.45 28.62
N LEU A 161 10.61 0.36 28.81
CA LEU A 161 10.81 1.79 28.91
C LEU A 161 11.34 2.27 30.26
N GLU A 162 11.09 1.54 31.35
CA GLU A 162 11.47 2.08 32.65
C GLU A 162 12.92 1.77 33.03
N LYS A 163 13.58 0.85 32.32
CA LYS A 163 15.02 0.63 32.46
C LYS A 163 15.68 0.93 31.14
N SER A 164 16.79 1.69 31.19
CA SER A 164 17.51 2.04 29.97
C SER A 164 18.18 0.83 29.35
N ASP A 165 18.43 -0.21 30.15
CA ASP A 165 19.14 -1.38 29.67
C ASP A 165 18.25 -2.33 28.91
N LYS A 166 16.94 -2.10 28.93
CA LYS A 166 15.96 -3.05 28.39
C LYS A 166 15.29 -2.58 27.11
N ALA A 167 15.89 -1.64 26.37
CA ALA A 167 15.29 -1.16 25.14
C ALA A 167 15.30 -2.21 24.04
N HIS A 168 16.09 -3.26 24.19
CA HIS A 168 16.11 -4.35 23.22
C HIS A 168 14.97 -5.34 23.44
N THR A 169 14.16 -5.16 24.46
CA THR A 169 13.10 -6.08 24.83
C THR A 169 11.71 -5.57 24.51
N LYS A 170 11.59 -4.52 23.71
CA LYS A 170 10.28 -3.97 23.39
C LYS A 170 9.52 -4.92 22.45
N PRO A 171 8.20 -5.03 22.59
CA PRO A 171 7.41 -5.80 21.64
C PRO A 171 7.17 -5.04 20.35
N ASN A 172 6.62 -5.77 19.38
CA ASN A 172 6.22 -5.18 18.11
C ASN A 172 5.05 -4.24 18.32
N LEU A 173 5.13 -3.05 17.70
CA LEU A 173 4.15 -2.00 17.97
C LEU A 173 2.84 -2.23 17.23
N ILE A 174 2.90 -2.84 16.03
CA ILE A 174 1.70 -3.12 15.26
C ILE A 174 0.80 -4.10 16.01
N ASN A 175 1.40 -5.17 16.55
CA ASN A 175 0.66 -6.17 17.30
C ASN A 175 0.11 -5.60 18.61
N PHE A 176 0.87 -4.71 19.24
CA PHE A 176 0.40 -4.01 20.44
C PHE A 176 -0.86 -3.19 20.13
N ASN A 177 -0.81 -2.42 19.05
CA ASN A 177 -1.94 -1.58 18.64
C ASN A 177 -3.15 -2.42 18.29
N LYS A 178 -2.95 -3.51 17.55
CA LYS A 178 -4.07 -4.32 17.10
C LYS A 178 -4.68 -5.15 18.23
N THR A 179 -3.86 -5.62 19.17
CA THR A 179 -4.39 -6.25 20.37
C THR A 179 -5.25 -5.28 21.17
N PHE A 180 -4.79 -4.04 21.33
CA PHE A 180 -5.63 -3.06 22.01
C PHE A 180 -6.91 -2.77 21.24
N MET A 181 -6.84 -2.77 19.91
CA MET A 181 -8.04 -2.48 19.13
C MET A 181 -9.10 -3.55 19.31
N VAL A 182 -8.69 -4.82 19.32
CA VAL A 182 -9.64 -5.90 19.57
C VAL A 182 -10.21 -5.79 20.98
N LEU A 183 -9.34 -5.52 21.97
CA LEU A 183 -9.80 -5.37 23.35
C LEU A 183 -10.79 -4.22 23.48
N ALA A 184 -10.52 -3.11 22.79
CA ALA A 184 -11.40 -1.96 22.82
C ALA A 184 -12.76 -2.27 22.20
N ASN A 185 -12.78 -3.05 21.12
CA ASN A 185 -14.04 -3.45 20.52
C ASN A 185 -14.86 -4.29 21.48
N LEU A 186 -14.22 -5.28 22.11
CA LEU A 186 -14.93 -6.16 23.05
C LEU A 186 -15.45 -5.39 24.26
N VAL A 187 -14.66 -4.44 24.78
CA VAL A 187 -15.10 -3.66 25.92
C VAL A 187 -16.21 -2.70 25.53
N ASN A 188 -16.08 -2.05 24.36
CA ASN A 188 -17.07 -1.08 23.91
C ASN A 188 -18.42 -1.72 23.66
N GLU A 189 -18.43 -3.02 23.29
CA GLU A 189 -19.66 -3.76 23.11
C GLU A 189 -20.57 -3.72 24.35
N ILE A 190 -20.00 -3.61 25.54
CA ILE A 190 -20.77 -3.46 26.77
C ILE A 190 -20.81 -2.01 27.24
N VAL A 191 -19.71 -1.28 27.10
CA VAL A 191 -19.63 0.05 27.67
C VAL A 191 -20.52 1.06 26.94
N ILE A 192 -20.58 0.98 25.60
CA ILE A 192 -21.40 1.93 24.83
C ILE A 192 -22.88 1.80 25.16
N PRO A 193 -23.51 0.61 25.22
CA PRO A 193 -24.91 0.58 25.68
C PRO A 193 -25.09 0.99 27.14
N LEU A 194 -24.13 0.72 28.01
CA LEU A 194 -24.25 1.16 29.40
C LEU A 194 -24.24 2.68 29.50
N SER A 195 -23.33 3.32 28.78
CA SER A 195 -23.23 4.78 28.84
C SER A 195 -24.36 5.47 28.07
N ASN A 196 -24.91 4.79 27.06
CA ASN A 196 -26.06 5.33 26.35
C ASN A 196 -27.36 5.15 27.11
N GLY A 197 -27.36 4.36 28.18
CA GLY A 197 -28.58 4.04 28.89
C GLY A 197 -29.32 2.85 28.35
N ALA A 198 -28.81 2.18 27.31
CA ALA A 198 -29.47 1.02 26.75
C ALA A 198 -29.47 -0.16 27.69
N ILE A 199 -28.49 -0.25 28.59
CA ILE A 199 -28.51 -1.16 29.73
C ILE A 199 -28.68 -0.31 30.98
N SER A 200 -29.75 -0.57 31.73
CA SER A 200 -30.07 0.24 32.89
C SER A 200 -30.46 -0.66 34.04
N PHE A 201 -30.57 -0.05 35.22
CA PHE A 201 -30.88 -0.74 36.47
C PHE A 201 -32.05 -0.05 37.15
N PRO A 202 -33.29 -0.36 36.74
CA PRO A 202 -34.44 0.42 37.23
C PRO A 202 -34.87 0.05 38.63
N ASN A 203 -34.54 -1.14 39.11
CA ASN A 203 -35.04 -1.64 40.38
C ASN A 203 -34.18 -1.21 41.57
N ILE A 204 -33.46 -0.09 41.46
CA ILE A 204 -32.42 0.24 42.41
C ILE A 204 -32.82 1.35 43.39
N SER A 205 -33.97 2.00 43.17
CA SER A 205 -34.36 3.10 44.03
C SER A 205 -34.75 2.62 45.42
N LYS A 206 -35.10 1.34 45.56
CA LYS A 206 -35.38 0.79 46.89
C LYS A 206 -34.09 0.69 47.70
N LEU A 207 -34.24 0.79 49.02
CA LEU A 207 -33.08 0.91 49.91
C LEU A 207 -32.56 -0.47 50.27
N GLU A 208 -31.42 -0.86 49.67
CA GLU A 208 -30.70 -2.07 50.01
C GLU A 208 -29.20 -1.82 50.14
N ASP A 209 -28.81 -0.63 50.63
CA ASP A 209 -27.41 -0.23 50.67
C ASP A 209 -26.57 -1.06 51.63
N GLY A 210 -27.19 -1.75 52.58
CA GLY A 210 -26.43 -2.58 53.50
C GLY A 210 -25.90 -3.86 52.91
N GLU A 211 -26.51 -4.35 51.84
CA GLU A 211 -26.10 -5.62 51.24
C GLU A 211 -25.95 -5.59 49.72
N GLU A 212 -26.41 -4.55 49.03
CA GLU A 212 -26.28 -4.44 47.58
C GLU A 212 -25.44 -3.24 47.17
N SER A 213 -24.36 -2.95 47.89
CA SER A 213 -23.59 -1.75 47.61
C SER A 213 -22.81 -1.86 46.31
N HIS A 214 -22.47 -3.08 45.89
CA HIS A 214 -21.69 -3.27 44.68
C HIS A 214 -22.48 -2.90 43.44
N LEU A 215 -23.72 -3.37 43.34
CA LEU A 215 -24.53 -3.08 42.17
C LEU A 215 -24.99 -1.62 42.17
N ILE A 216 -25.21 -1.06 43.37
CA ILE A 216 -25.54 0.37 43.48
C ILE A 216 -24.38 1.22 43.01
N GLU A 217 -23.15 0.85 43.40
CA GLU A 217 -21.98 1.58 42.95
C GLU A 217 -21.78 1.43 41.45
N PHE A 218 -21.99 0.24 40.91
CA PHE A 218 -21.76 0.02 39.48
C PHE A 218 -22.81 0.69 38.62
N ALA A 219 -24.04 0.84 39.11
CA ALA A 219 -25.09 1.44 38.29
C ALA A 219 -24.85 2.91 38.00
N LEU A 220 -23.93 3.56 38.71
CA LEU A 220 -23.52 4.94 38.45
C LEU A 220 -22.00 5.03 38.53
N ASN A 221 -21.35 5.08 37.36
CA ASN A 221 -19.91 5.24 37.28
C ASN A 221 -19.43 6.25 36.25
N ASP A 222 -20.35 6.86 35.50
CA ASP A 222 -20.01 7.78 34.40
C ASP A 222 -19.09 7.08 33.39
N TYR A 223 -19.70 6.09 32.71
CA TYR A 223 -18.98 5.31 31.71
C TYR A 223 -18.58 6.12 30.49
N SER A 224 -19.08 7.35 30.36
CA SER A 224 -18.64 8.23 29.28
C SER A 224 -17.16 8.54 29.38
N GLN A 225 -16.60 8.54 30.60
CA GLN A 225 -15.17 8.79 30.76
C GLN A 225 -14.33 7.63 30.22
N LEU A 226 -14.71 6.40 30.54
CA LEU A 226 -14.04 5.24 29.99
C LEU A 226 -14.24 5.16 28.48
N SER A 227 -15.43 5.51 28.00
CA SER A 227 -15.70 5.55 26.57
C SER A 227 -14.80 6.56 25.87
N GLU A 228 -14.63 7.75 26.47
CA GLU A 228 -13.78 8.77 25.89
C GLU A 228 -12.33 8.33 25.85
N LEU A 229 -11.84 7.71 26.92
CA LEU A 229 -10.45 7.26 26.95
C LEU A 229 -10.19 6.17 25.93
N ILE A 230 -11.11 5.20 25.81
CA ILE A 230 -10.98 4.14 24.82
C ILE A 230 -11.01 4.72 23.41
N GLY A 231 -11.94 5.66 23.15
CA GLY A 231 -12.04 6.26 21.84
C GLY A 231 -10.84 7.10 21.48
N GLU A 232 -10.25 7.79 22.48
CA GLU A 232 -9.05 8.57 22.23
C GLU A 232 -7.87 7.68 21.85
N LEU A 233 -7.69 6.57 22.56
CA LEU A 233 -6.62 5.65 22.18
C LEU A 233 -6.89 4.99 20.83
N LYS A 234 -8.16 4.70 20.53
CA LYS A 234 -8.51 4.14 19.23
C LYS A 234 -8.21 5.11 18.10
N ASP A 235 -8.53 6.39 18.30
CA ASP A 235 -8.28 7.39 17.27
C ASP A 235 -6.79 7.65 17.11
N ALA A 236 -6.03 7.58 18.21
CA ALA A 236 -4.58 7.71 18.11
C ALA A 236 -3.98 6.55 17.31
N ILE A 237 -4.47 5.33 17.55
CA ILE A 237 -3.95 4.18 16.82
C ILE A 237 -4.35 4.23 15.35
N ALA A 238 -5.60 4.57 15.07
CA ALA A 238 -6.13 4.46 13.72
C ALA A 238 -5.70 5.59 12.81
N THR A 239 -5.05 6.62 13.33
CA THR A 239 -4.62 7.73 12.49
C THR A 239 -3.30 7.41 11.82
N ASN A 240 -3.35 7.06 10.54
CA ASN A 240 -2.17 6.88 9.72
C ASN A 240 -2.23 7.82 8.52
N GLY A 241 -1.11 8.49 8.25
CA GLY A 241 -1.03 9.40 7.13
C GLY A 241 -1.72 10.72 7.33
N GLY A 242 -2.03 11.07 8.59
CA GLY A 242 -2.72 12.30 8.89
C GLY A 242 -4.23 12.22 8.88
N TYR A 243 -4.80 11.08 8.52
CA TYR A 243 -6.24 10.92 8.40
C TYR A 243 -6.76 9.98 9.49
N THR A 244 -7.81 10.41 10.18
CA THR A 244 -8.44 9.64 11.22
C THR A 244 -9.80 9.14 10.75
N PRO A 245 -10.10 7.85 10.91
CA PRO A 245 -11.43 7.36 10.54
C PRO A 245 -12.52 8.00 11.40
N PHE A 246 -13.62 8.36 10.76
CA PHE A 246 -14.73 9.01 11.44
C PHE A 246 -16.01 8.19 11.43
N ALA A 247 -16.41 7.67 10.27
CA ALA A 247 -17.67 6.95 10.16
C ALA A 247 -17.56 5.92 9.05
N LYS A 248 -18.45 4.94 9.10
CA LYS A 248 -18.64 3.98 8.02
C LYS A 248 -20.12 3.96 7.65
N VAL A 249 -20.45 4.54 6.51
CA VAL A 249 -21.82 4.83 6.10
C VAL A 249 -22.25 3.86 5.03
N THR A 250 -23.50 3.40 5.09
CA THR A 250 -24.08 2.56 4.06
C THR A 250 -25.30 3.27 3.46
N LEU A 251 -25.49 3.08 2.15
CA LEU A 251 -26.66 3.62 1.47
C LEU A 251 -27.72 2.55 1.18
N ASN A 252 -27.42 1.29 1.49
CA ASN A 252 -28.37 0.20 1.44
C ASN A 252 -28.71 -0.16 2.87
N HIS A 253 -29.96 0.06 3.28
CA HIS A 253 -30.32 -0.10 4.69
C HIS A 253 -30.45 -1.55 5.12
N TYR A 254 -30.42 -2.48 4.18
CA TYR A 254 -30.44 -3.90 4.53
C TYR A 254 -29.08 -4.38 5.01
N THR A 255 -28.07 -3.53 4.92
CA THR A 255 -26.70 -3.81 5.27
C THR A 255 -26.30 -3.09 6.57
N ALA A 256 -27.21 -2.29 7.13
CA ALA A 256 -26.89 -1.46 8.28
C ALA A 256 -26.60 -2.28 9.54
N GLU A 257 -27.34 -3.38 9.74
CA GLU A 257 -27.13 -4.20 10.92
C GLU A 257 -26.24 -5.40 10.64
N GLN A 258 -25.24 -5.23 9.78
CA GLN A 258 -24.38 -6.31 9.31
C GLN A 258 -23.58 -6.92 10.44
N LYS A 259 -23.53 -8.25 10.46
CA LYS A 259 -22.70 -9.05 11.33
C LYS A 259 -21.33 -9.24 10.70
N PRO A 260 -20.30 -9.53 11.51
CA PRO A 260 -18.97 -9.77 10.93
C PRO A 260 -18.95 -10.95 9.98
N HIS A 261 -18.19 -10.80 8.90
CA HIS A 261 -18.08 -11.85 7.89
C HIS A 261 -17.26 -13.01 8.42
N VAL A 262 -17.70 -14.24 8.11
CA VAL A 262 -17.04 -15.44 8.60
C VAL A 262 -16.01 -15.88 7.56
N PHE A 263 -14.75 -15.99 8.00
CA PHE A 263 -13.65 -16.34 7.11
C PHE A 263 -13.07 -17.72 7.40
N LYS A 264 -13.90 -18.67 7.84
CA LYS A 264 -13.40 -19.94 8.35
C LYS A 264 -12.73 -20.77 7.27
N ASN A 265 -13.27 -20.75 6.05
CA ASN A 265 -12.68 -21.53 4.96
C ASN A 265 -11.30 -21.00 4.57
N ASP A 266 -11.15 -19.68 4.49
CA ASP A 266 -9.84 -19.09 4.19
C ASP A 266 -8.85 -19.34 5.31
N ILE A 267 -9.31 -19.26 6.56
CA ILE A 267 -8.45 -19.52 7.71
C ILE A 267 -7.96 -20.96 7.69
N ASP A 268 -8.87 -21.90 7.42
CA ASP A 268 -8.51 -23.31 7.35
C ASP A 268 -7.55 -23.58 6.19
N ALA A 269 -7.78 -22.95 5.03
CA ALA A 269 -6.88 -23.14 3.90
C ALA A 269 -5.49 -22.58 4.19
N LYS A 270 -5.41 -21.44 4.86
CA LYS A 270 -4.12 -20.86 5.18
C LYS A 270 -3.38 -21.66 6.24
N ILE A 271 -4.12 -22.24 7.20
CA ILE A 271 -3.50 -23.12 8.19
C ILE A 271 -3.02 -24.40 7.51
N ARG A 272 -3.76 -24.88 6.52
CA ARG A 272 -3.36 -26.05 5.76
C ARG A 272 -2.11 -25.78 4.94
N GLU A 273 -1.99 -24.58 4.37
CA GLU A 273 -0.79 -24.21 3.63
C GLU A 273 0.43 -24.12 4.54
N LEU A 274 0.24 -23.63 5.76
CA LEU A 274 1.35 -23.52 6.71
C LEU A 274 1.82 -24.88 7.20
N LYS A 275 1.01 -25.92 7.03
CA LYS A 275 1.23 -27.24 7.65
C LYS A 275 1.42 -27.09 9.15
N LEU A 276 0.58 -26.26 9.75
CA LEU A 276 0.75 -25.89 11.16
C LEU A 276 0.33 -27.03 12.09
N ILE A 277 -0.72 -27.77 11.70
CA ILE A 277 -1.24 -28.83 12.56
C ILE A 277 -0.22 -29.95 12.70
N GLY A 278 0.45 -30.31 11.60
CA GLY A 278 1.49 -31.33 11.68
C GLY A 278 2.66 -30.90 12.54
N LEU A 279 3.02 -29.61 12.48
CA LEU A 279 4.10 -29.10 13.31
C LEU A 279 3.73 -29.13 14.78
N VAL A 280 2.48 -28.79 15.12
CA VAL A 280 2.07 -28.87 16.52
C VAL A 280 1.99 -30.32 16.98
N GLU A 281 1.55 -31.23 16.12
CA GLU A 281 1.52 -32.65 16.49
C GLU A 281 2.92 -33.20 16.74
N THR A 282 3.88 -32.84 15.89
CA THR A 282 5.23 -33.36 16.11
C THR A 282 5.94 -32.64 17.26
N LEU A 283 5.48 -31.43 17.61
CA LEU A 283 6.21 -30.67 18.62
C LEU A 283 5.53 -30.64 19.99
N LYS A 284 4.28 -31.06 20.12
CA LYS A 284 3.70 -31.09 21.45
C LYS A 284 4.17 -32.34 22.19
N GLY A 285 4.20 -32.24 23.52
CA GLY A 285 4.84 -33.24 24.34
C GLY A 285 6.32 -33.01 24.55
N LYS A 286 6.93 -32.13 23.77
CA LYS A 286 8.31 -31.74 23.97
C LYS A 286 8.39 -30.53 24.90
N SER A 287 9.45 -30.44 25.67
CA SER A 287 9.69 -29.24 26.45
C SER A 287 10.32 -28.17 25.56
N SER A 288 10.58 -27.00 26.16
CA SER A 288 11.18 -25.90 25.41
C SER A 288 12.58 -26.26 24.92
N GLU A 289 13.40 -26.88 25.77
CA GLU A 289 14.71 -27.34 25.32
C GLU A 289 14.59 -28.52 24.35
N GLN A 290 13.50 -29.28 24.42
CA GLN A 290 13.32 -30.37 23.46
C GLN A 290 12.88 -29.86 22.09
N ILE A 291 12.04 -28.83 22.04
CA ILE A 291 11.73 -28.20 20.75
C ILE A 291 12.98 -27.52 20.19
N GLU A 292 13.77 -26.89 21.06
CA GLU A 292 15.04 -26.31 20.64
C GLU A 292 15.97 -27.37 20.06
N GLU A 293 16.04 -28.54 20.70
CA GLU A 293 16.84 -29.64 20.20
C GLU A 293 16.32 -30.16 18.87
N TYR A 294 14.99 -30.21 18.71
CA TYR A 294 14.40 -30.62 17.43
C TYR A 294 14.84 -29.69 16.31
N PHE A 295 14.80 -28.38 16.57
CA PHE A 295 15.21 -27.43 15.54
C PHE A 295 16.72 -27.48 15.31
N SER A 296 17.50 -27.75 16.35
CA SER A 296 18.95 -27.86 16.22
C SER A 296 19.34 -29.06 15.37
N ASN A 297 18.61 -30.17 15.49
CA ASN A 297 18.99 -31.40 14.80
C ASN A 297 18.56 -31.44 13.33
N LEU A 298 17.83 -30.44 12.86
CA LEU A 298 17.42 -30.41 11.45
C LEU A 298 18.62 -30.18 10.54
N ASP A 299 18.61 -30.83 9.38
CA ASP A 299 19.59 -30.53 8.34
C ASP A 299 19.16 -29.24 7.66
N LYS A 300 19.88 -28.15 7.94
CA LYS A 300 19.43 -26.82 7.56
C LYS A 300 19.38 -26.66 6.04
N PHE A 301 20.39 -27.17 5.34
CA PHE A 301 20.50 -26.92 3.91
C PHE A 301 19.50 -27.75 3.11
N SER A 302 19.26 -29.00 3.50
CA SER A 302 18.31 -29.82 2.76
C SER A 302 16.87 -29.46 3.09
N THR A 303 16.59 -29.09 4.34
CA THR A 303 15.26 -28.63 4.70
C THR A 303 14.96 -27.27 4.08
N TYR A 304 15.98 -26.43 3.95
CA TYR A 304 15.80 -25.09 3.38
C TYR A 304 15.44 -25.16 1.91
N ASN A 305 15.98 -26.15 1.20
CA ASN A 305 15.72 -26.29 -0.23
C ASN A 305 14.56 -27.23 -0.53
N ASP A 306 13.96 -27.85 0.48
CA ASP A 306 12.86 -28.77 0.28
C ASP A 306 11.56 -27.98 0.26
N ARG A 307 10.98 -27.80 -0.93
CA ARG A 307 9.78 -27.01 -1.09
C ARG A 307 8.54 -27.65 -0.48
N ASN A 308 8.61 -28.92 -0.08
CA ASN A 308 7.48 -29.61 0.52
C ASN A 308 7.41 -29.44 2.03
N GLN A 309 8.34 -28.72 2.63
CA GLN A 309 8.31 -28.47 4.06
C GLN A 309 7.37 -27.31 4.37
N SER A 310 7.14 -27.09 5.67
CA SER A 310 6.45 -25.88 6.10
C SER A 310 7.30 -24.67 5.79
N VAL A 311 6.66 -23.57 5.42
CA VAL A 311 7.40 -22.32 5.25
C VAL A 311 7.88 -21.82 6.60
N ILE A 312 7.24 -22.27 7.68
CA ILE A 312 7.72 -21.98 9.03
C ILE A 312 9.05 -22.66 9.28
N VAL A 313 9.14 -23.94 8.96
CA VAL A 313 10.38 -24.69 9.18
C VAL A 313 11.45 -24.23 8.19
N ARG A 314 11.08 -23.98 6.94
CA ARG A 314 12.04 -23.49 5.96
C ARG A 314 12.55 -22.11 6.32
N THR A 315 11.72 -21.32 6.99
CA THR A 315 12.17 -20.01 7.46
C THR A 315 13.16 -20.16 8.60
N GLN A 316 12.87 -21.06 9.55
CA GLN A 316 13.70 -21.14 10.76
C GLN A 316 15.07 -21.73 10.49
N CYS A 317 15.30 -22.28 9.30
CA CYS A 317 16.61 -22.85 9.01
C CYS A 317 17.48 -21.94 8.15
N PHE A 318 17.10 -20.68 7.96
CA PHE A 318 17.98 -19.65 7.42
C PHE A 318 18.15 -18.48 8.39
N LYS A 319 17.07 -18.06 9.03
CA LYS A 319 17.10 -16.95 9.96
C LYS A 319 15.99 -17.15 10.97
N TYR A 320 16.25 -16.79 12.22
CA TYR A 320 15.22 -16.90 13.24
C TYR A 320 14.11 -15.89 12.98
N LYS A 321 12.87 -16.36 12.95
CA LYS A 321 11.72 -15.51 12.71
C LYS A 321 10.56 -16.00 13.58
N PRO A 322 10.31 -15.36 14.71
CA PRO A 322 9.19 -15.78 15.55
C PRO A 322 7.85 -15.43 14.93
N ILE A 323 6.83 -16.19 15.32
CA ILE A 323 5.45 -15.89 14.93
C ILE A 323 5.01 -14.63 15.65
N PRO A 324 4.34 -13.69 14.97
CA PRO A 324 3.90 -12.46 15.64
C PRO A 324 2.90 -12.73 16.74
N PHE A 325 2.85 -11.81 17.71
CA PHE A 325 2.18 -12.06 18.98
C PHE A 325 0.68 -12.29 18.80
N LEU A 326 0.00 -11.38 18.11
CA LEU A 326 -1.45 -11.42 18.04
C LEU A 326 -1.95 -12.63 17.28
N VAL A 327 -1.35 -12.90 16.11
CA VAL A 327 -1.78 -14.04 15.31
C VAL A 327 -1.45 -15.35 16.02
N LYS A 328 -0.35 -15.38 16.78
CA LYS A 328 0.00 -16.58 17.53
C LYS A 328 -1.03 -16.87 18.62
N HIS A 329 -1.45 -15.83 19.34
CA HIS A 329 -2.44 -16.04 20.39
C HIS A 329 -3.83 -16.33 19.84
N GLN A 330 -4.20 -15.74 18.71
CA GLN A 330 -5.47 -16.10 18.07
C GLN A 330 -5.43 -17.52 17.52
N LEU A 331 -4.28 -17.90 16.98
CA LEU A 331 -4.11 -19.16 16.26
C LEU A 331 -4.08 -20.35 17.19
N ALA A 332 -3.39 -20.22 18.34
CA ALA A 332 -3.37 -21.31 19.31
C ALA A 332 -4.77 -21.60 19.84
N LYS A 333 -5.51 -20.56 20.17
CA LYS A 333 -6.88 -20.72 20.65
C LYS A 333 -7.80 -21.28 19.57
N TYR A 334 -7.58 -20.90 18.31
CA TYR A 334 -8.39 -21.45 17.22
C TYR A 334 -8.12 -22.94 17.02
N ILE A 335 -6.86 -23.34 17.02
CA ILE A 335 -6.56 -24.71 16.59
C ILE A 335 -6.52 -25.68 17.76
N SER A 336 -6.55 -25.21 19.01
CA SER A 336 -6.40 -26.11 20.13
C SER A 336 -7.67 -26.93 20.37
N GLU A 337 -8.79 -26.24 20.58
CA GLU A 337 -10.03 -26.90 21.01
C GLU A 337 -10.60 -27.87 19.98
N PRO A 338 -10.64 -27.57 18.66
CA PRO A 338 -11.08 -28.60 17.70
C PRO A 338 -10.25 -29.88 17.71
N ASN A 339 -8.94 -29.79 17.94
CA ASN A 339 -8.07 -30.96 17.87
C ASN A 339 -7.94 -31.69 19.19
N GLY A 340 -8.65 -31.25 20.23
CA GLY A 340 -8.56 -31.90 21.51
C GLY A 340 -7.31 -31.59 22.31
N TRP A 341 -6.52 -30.62 21.86
CA TRP A 341 -5.28 -30.28 22.54
C TRP A 341 -5.52 -29.25 23.63
N ASP A 342 -4.57 -29.15 24.55
CA ASP A 342 -4.57 -28.08 25.53
C ASP A 342 -4.10 -26.79 24.86
N GLU A 343 -4.71 -25.68 25.21
CA GLU A 343 -4.32 -24.40 24.62
C GLU A 343 -2.95 -23.96 25.11
N ASP A 344 -2.60 -24.31 26.34
CA ASP A 344 -1.27 -24.00 26.87
C ASP A 344 -0.18 -24.77 26.16
N ALA A 345 -0.43 -26.03 25.81
CA ALA A 345 0.57 -26.82 25.11
C ALA A 345 0.87 -26.28 23.71
N VAL A 346 -0.19 -25.95 22.95
CA VAL A 346 0.02 -25.40 21.62
C VAL A 346 0.60 -23.99 21.70
N ALA A 347 0.24 -23.22 22.72
CA ALA A 347 0.87 -21.91 22.91
C ALA A 347 2.35 -22.05 23.23
N LYS A 348 2.71 -23.07 24.01
CA LYS A 348 4.11 -23.38 24.28
C LYS A 348 4.84 -23.77 23.01
N VAL A 349 4.18 -24.51 22.12
CA VAL A 349 4.81 -24.90 20.86
C VAL A 349 5.06 -23.67 19.98
N LEU A 350 4.06 -22.80 19.88
CA LEU A 350 4.20 -21.61 19.03
C LEU A 350 5.16 -20.56 19.61
N ASP A 351 5.31 -20.50 20.94
CA ASP A 351 6.31 -19.60 21.51
C ASP A 351 7.73 -20.08 21.22
N ALA A 352 7.92 -21.37 21.01
CA ALA A 352 9.27 -21.91 20.82
C ALA A 352 9.72 -21.88 19.37
N VAL A 353 8.85 -21.48 18.45
CA VAL A 353 9.24 -21.36 17.05
C VAL A 353 9.91 -20.01 16.85
N GLY A 354 11.18 -20.04 16.42
CA GLY A 354 11.90 -18.81 16.18
C GLY A 354 12.61 -18.23 17.37
N ALA A 355 12.84 -19.03 18.41
CA ALA A 355 13.52 -18.57 19.61
C ALA A 355 14.98 -18.24 19.27
N ILE A 356 15.32 -16.96 19.34
CA ILE A 356 16.60 -16.48 18.82
C ILE A 356 17.73 -16.92 19.74
N ARG A 357 18.75 -17.54 19.14
CA ARG A 357 19.85 -18.11 19.88
C ARG A 357 21.14 -17.67 19.20
N SER A 358 22.19 -17.43 19.99
CA SER A 358 23.41 -16.82 19.49
C SER A 358 24.59 -17.79 19.60
N PRO A 359 25.22 -18.17 18.49
CA PRO A 359 26.38 -19.07 18.57
C PRO A 359 27.57 -18.50 19.31
N ALA A 360 27.77 -17.18 19.25
CA ALA A 360 28.84 -16.55 20.02
C ALA A 360 28.59 -16.69 21.51
N HIS A 361 27.36 -16.42 21.94
CA HIS A 361 26.98 -16.58 23.34
C HIS A 361 27.07 -18.04 23.78
N ASP A 362 26.64 -18.96 22.92
CA ASP A 362 26.67 -20.38 23.27
C ASP A 362 28.10 -20.89 23.39
N TYR A 363 29.00 -20.41 22.52
CA TYR A 363 30.40 -20.79 22.65
C TYR A 363 31.03 -20.14 23.87
N ALA A 364 30.56 -18.94 24.24
CA ALA A 364 31.06 -18.29 25.45
C ALA A 364 30.68 -19.07 26.70
N ASN A 365 29.44 -19.56 26.77
CA ASN A 365 29.00 -20.25 27.98
C ASN A 365 29.51 -21.69 28.06
N ASN A 366 29.46 -22.44 26.96
CA ASN A 366 29.83 -23.85 27.01
C ASN A 366 30.38 -24.27 25.67
N GLN A 367 31.69 -24.56 25.62
CA GLN A 367 32.35 -24.88 24.37
C GLN A 367 32.18 -26.33 23.95
N GLU A 368 31.67 -27.18 24.84
CA GLU A 368 31.51 -28.60 24.57
C GLU A 368 30.10 -28.88 24.08
N GLY A 369 30.00 -29.72 23.05
CA GLY A 369 28.73 -29.95 22.39
C GLY A 369 28.34 -28.87 21.41
N PHE A 370 29.15 -27.85 21.23
CA PHE A 370 28.86 -26.78 20.29
C PHE A 370 28.93 -27.31 18.86
N ASP A 371 28.01 -26.83 18.02
CA ASP A 371 27.99 -27.23 16.63
C ASP A 371 27.43 -26.08 15.82
N LEU A 372 28.07 -25.76 14.69
CA LEU A 372 27.55 -24.72 13.81
C LEU A 372 26.35 -25.22 13.00
N ASN A 373 26.14 -26.53 12.97
CA ASN A 373 24.97 -27.08 12.29
C ASN A 373 23.69 -26.94 13.10
N HIS A 374 23.79 -26.51 14.36
CA HIS A 374 22.60 -26.28 15.17
C HIS A 374 21.89 -25.00 14.77
N TYR A 375 22.59 -24.11 14.10
CA TYR A 375 22.08 -22.77 13.89
C TYR A 375 21.63 -22.57 12.46
N PRO A 376 20.73 -21.62 12.23
CA PRO A 376 20.34 -21.26 10.86
C PRO A 376 21.53 -20.82 10.01
N ILE A 377 21.34 -20.88 8.70
CA ILE A 377 22.44 -20.74 7.74
C ILE A 377 23.05 -19.34 7.83
N LYS A 378 22.20 -18.31 7.90
CA LYS A 378 22.72 -16.95 7.97
C LYS A 378 23.43 -16.69 9.30
N VAL A 379 22.88 -17.22 10.39
CA VAL A 379 23.44 -17.00 11.72
C VAL A 379 24.83 -17.64 11.84
N ALA A 380 24.92 -18.92 11.46
CA ALA A 380 26.18 -19.64 11.51
C ALA A 380 27.18 -19.09 10.50
N PHE A 381 26.69 -18.64 9.34
CA PHE A 381 27.57 -18.04 8.34
C PHE A 381 28.17 -16.74 8.86
N ASP A 382 27.35 -15.88 9.49
CA ASP A 382 27.86 -14.63 10.02
C ASP A 382 28.92 -14.88 11.09
N TYR A 383 28.63 -15.81 12.01
CA TYR A 383 29.59 -16.11 13.07
C TYR A 383 30.89 -16.67 12.51
N ALA A 384 30.79 -17.67 11.61
CA ALA A 384 31.99 -18.31 11.07
C ALA A 384 32.81 -17.33 10.24
N TRP A 385 32.16 -16.54 9.39
CA TRP A 385 32.86 -15.58 8.54
C TRP A 385 33.59 -14.53 9.36
N GLU A 386 32.90 -13.92 10.33
CA GLU A 386 33.53 -12.85 11.09
C GLU A 386 34.64 -13.37 11.99
N GLN A 387 34.44 -14.53 12.61
CA GLN A 387 35.46 -15.02 13.53
C GLN A 387 36.64 -15.62 12.77
N LEU A 388 36.43 -16.09 11.54
CA LEU A 388 37.55 -16.59 10.76
C LEU A 388 38.34 -15.44 10.16
N ALA A 389 37.68 -14.33 9.83
CA ALA A 389 38.39 -13.17 9.32
C ALA A 389 39.30 -12.55 10.37
N ASN A 390 38.86 -12.55 11.63
CA ASN A 390 39.68 -12.00 12.71
C ASN A 390 40.88 -12.88 13.01
N SER A 391 40.75 -14.19 12.81
CA SER A 391 41.77 -15.13 13.24
C SER A 391 42.97 -15.18 12.30
N LEU A 392 42.90 -14.52 11.15
CA LEU A 392 44.02 -14.51 10.22
C LEU A 392 45.18 -13.66 10.71
N TYR A 393 44.97 -12.85 11.75
CA TYR A 393 46.01 -11.95 12.25
C TYR A 393 46.22 -12.03 13.75
N THR A 394 45.41 -12.81 14.48
CA THR A 394 45.51 -12.85 15.93
C THR A 394 44.82 -14.11 16.43
N THR A 395 45.04 -14.42 17.70
CA THR A 395 44.43 -15.57 18.34
C THR A 395 43.03 -15.22 18.83
N VAL A 396 42.03 -15.93 18.33
CA VAL A 396 40.63 -15.65 18.60
C VAL A 396 40.00 -16.88 19.23
N THR A 397 39.24 -16.67 20.31
CA THR A 397 38.54 -17.75 21.00
C THR A 397 37.31 -18.13 20.18
N PHE A 398 37.46 -19.14 19.32
CA PHE A 398 36.37 -19.61 18.48
C PHE A 398 36.74 -20.99 17.94
N PRO A 399 35.75 -21.79 17.51
CA PRO A 399 36.05 -23.11 16.91
C PRO A 399 36.57 -23.01 15.48
N GLN A 400 37.89 -22.90 15.31
CA GLN A 400 38.47 -22.58 14.01
C GLN A 400 38.16 -23.63 12.95
N GLU A 401 38.39 -24.91 13.28
CA GLU A 401 38.18 -25.97 12.30
C GLU A 401 36.71 -26.10 11.91
N MET A 402 35.80 -25.96 12.88
CA MET A 402 34.37 -26.03 12.61
C MET A 402 33.92 -24.91 11.68
N CYS A 403 34.40 -23.69 11.92
CA CYS A 403 34.06 -22.56 11.06
C CYS A 403 34.63 -22.74 9.66
N GLU A 404 35.87 -23.25 9.57
CA GLU A 404 36.48 -23.51 8.26
C GLU A 404 35.69 -24.55 7.48
N LYS A 405 35.29 -25.63 8.14
CA LYS A 405 34.49 -26.66 7.48
C LYS A 405 33.14 -26.12 7.04
N TYR A 406 32.50 -25.30 7.88
CA TYR A 406 31.20 -24.74 7.55
C TYR A 406 31.28 -23.83 6.33
N LEU A 407 32.31 -22.99 6.24
CA LEU A 407 32.42 -22.07 5.11
C LEU A 407 32.86 -22.80 3.84
N ASN A 408 33.77 -23.78 3.97
CA ASN A 408 34.19 -24.55 2.82
C ASN A 408 33.05 -25.38 2.24
N SER A 409 32.18 -25.91 3.09
CA SER A 409 31.03 -26.66 2.60
C SER A 409 30.06 -25.78 1.82
N ILE A 410 29.90 -24.51 2.21
CA ILE A 410 29.03 -23.62 1.45
C ILE A 410 29.68 -23.24 0.12
N TYR A 411 30.97 -22.91 0.13
CA TYR A 411 31.57 -22.38 -1.09
C TYR A 411 32.29 -23.42 -1.94
N GLY A 412 32.55 -24.62 -1.41
CA GLY A 412 33.20 -25.64 -2.20
C GLY A 412 34.69 -25.45 -2.37
N CYS A 413 35.29 -24.49 -1.67
CA CYS A 413 36.70 -24.20 -1.77
C CYS A 413 37.17 -23.73 -0.41
N GLU A 414 38.50 -23.70 -0.22
CA GLU A 414 39.05 -23.25 1.05
C GLU A 414 38.90 -21.74 1.13
N VAL A 415 38.01 -21.29 2.02
CA VAL A 415 37.60 -19.90 2.08
C VAL A 415 38.72 -19.01 2.61
N SER A 416 39.48 -19.50 3.59
CA SER A 416 40.53 -18.69 4.20
C SER A 416 41.67 -18.38 3.24
N LYS A 417 41.80 -19.11 2.14
CA LYS A 417 42.80 -18.82 1.13
C LYS A 417 42.24 -17.99 -0.03
N GLU A 418 40.94 -17.70 -0.03
CA GLU A 418 40.34 -16.96 -1.14
C GLU A 418 40.80 -15.51 -1.11
N PRO A 419 41.09 -14.90 -2.26
CA PRO A 419 41.53 -13.50 -2.26
C PRO A 419 40.47 -12.52 -1.78
N VAL A 420 39.18 -12.81 -1.97
CA VAL A 420 38.13 -11.92 -1.47
C VAL A 420 38.09 -11.93 0.06
N PHE A 421 38.12 -13.13 0.64
CA PHE A 421 38.15 -13.27 2.09
C PHE A 421 39.43 -12.70 2.68
N LYS A 422 40.56 -12.93 2.01
CA LYS A 422 41.84 -12.36 2.46
C LYS A 422 41.81 -10.83 2.41
N PHE A 423 41.23 -10.26 1.36
CA PHE A 423 41.11 -8.81 1.26
C PHE A 423 40.19 -8.25 2.34
N TYR A 424 39.11 -8.96 2.64
CA TYR A 424 38.23 -8.55 3.74
C TYR A 424 38.97 -8.56 5.07
N ALA A 425 39.75 -9.61 5.32
CA ALA A 425 40.52 -9.70 6.56
C ALA A 425 41.58 -8.61 6.64
N ASP A 426 42.23 -8.29 5.52
CA ASP A 426 43.22 -7.21 5.50
C ASP A 426 42.59 -5.87 5.82
N LEU A 427 41.43 -5.57 5.21
CA LEU A 427 40.76 -4.30 5.49
C LEU A 427 40.28 -4.23 6.93
N LEU A 428 39.82 -5.36 7.48
CA LEU A 428 39.37 -5.39 8.86
C LEU A 428 40.54 -5.18 9.83
N TYR A 429 41.70 -5.76 9.52
CA TYR A 429 42.89 -5.55 10.35
C TYR A 429 43.35 -4.10 10.30
N ILE A 430 43.30 -3.48 9.10
CA ILE A 430 43.65 -2.07 8.96
C ILE A 430 42.71 -1.21 9.79
N ARG A 431 41.41 -1.51 9.73
CA ARG A 431 40.43 -0.77 10.52
C ARG A 431 40.69 -0.91 12.02
N LYS A 432 41.05 -2.11 12.46
CA LYS A 432 41.34 -2.33 13.88
C LYS A 432 42.53 -1.51 14.35
N ASN A 433 43.62 -1.52 13.58
CA ASN A 433 44.80 -0.78 14.01
C ASN A 433 44.59 0.73 13.92
N LEU A 434 43.82 1.19 12.93
CA LEU A 434 43.45 2.59 12.86
C LEU A 434 42.62 2.98 14.08
N ALA A 435 41.69 2.11 14.48
CA ALA A 435 40.88 2.36 15.67
C ALA A 435 41.74 2.45 16.92
N VAL A 436 42.80 1.66 16.99
CA VAL A 436 43.74 1.79 18.10
C VAL A 436 44.43 3.16 18.06
N LEU A 437 44.88 3.58 16.88
CA LEU A 437 45.59 4.86 16.79
C LEU A 437 44.67 6.07 16.98
N GLU A 438 43.37 5.90 16.77
CA GLU A 438 42.42 7.01 16.87
C GLU A 438 41.81 7.16 18.26
N HIS A 439 42.18 6.31 19.21
CA HIS A 439 41.55 6.28 20.53
C HIS A 439 42.03 7.51 21.32
N LYS A 440 41.25 8.58 21.25
CA LYS A 440 41.65 9.85 21.83
C LYS A 440 41.73 9.77 23.35
N ASN A 441 40.88 8.93 23.96
CA ASN A 441 40.94 8.75 25.41
C ASN A 441 42.23 8.08 25.84
N ASN A 442 42.63 7.01 25.14
CA ASN A 442 43.79 6.20 25.52
C ASN A 442 44.64 5.94 24.29
N LEU A 443 45.58 6.85 24.03
CA LEU A 443 46.57 6.61 22.99
C LEU A 443 47.53 5.51 23.41
N PRO A 444 48.00 4.70 22.46
CA PRO A 444 49.04 3.72 22.81
C PRO A 444 50.36 4.41 23.09
N SER A 445 51.14 3.81 23.99
CA SER A 445 52.43 4.38 24.34
C SER A 445 53.47 4.16 23.25
N ASN A 446 53.27 3.16 22.38
CA ASN A 446 54.18 2.86 21.27
C ASN A 446 53.33 2.80 20.01
N GLN A 447 53.15 3.96 19.37
CA GLN A 447 52.30 4.03 18.19
C GLN A 447 52.98 3.49 16.95
N GLU A 448 54.30 3.30 16.99
CA GLU A 448 55.03 2.83 15.82
C GLU A 448 54.69 1.39 15.50
N GLU A 449 54.32 0.59 16.51
CA GLU A 449 53.88 -0.78 16.27
C GLU A 449 52.67 -0.81 15.36
N PHE A 450 51.65 0.00 15.68
CA PHE A 450 50.43 0.00 14.90
C PHE A 450 50.62 0.70 13.57
N ILE A 451 51.49 1.71 13.52
CA ILE A 451 51.81 2.35 12.25
C ILE A 451 52.48 1.36 11.30
N CYS A 452 53.43 0.58 11.82
CA CYS A 452 54.11 -0.41 11.00
C CYS A 452 53.15 -1.53 10.59
N LYS A 453 52.21 -1.88 11.48
CA LYS A 453 51.20 -2.88 11.12
C LYS A 453 50.35 -2.41 9.96
N ILE A 454 49.88 -1.16 10.00
CA ILE A 454 49.04 -0.63 8.92
C ILE A 454 49.85 -0.55 7.63
N ASN A 455 51.10 -0.12 7.72
CA ASN A 455 51.94 -0.01 6.53
C ASN A 455 52.18 -1.36 5.87
N ASN A 456 52.54 -2.36 6.68
CA ASN A 456 52.80 -3.70 6.13
C ASN A 456 51.52 -4.34 5.61
N THR A 457 50.37 -4.03 6.21
CA THR A 457 49.13 -4.58 5.70
C THR A 457 48.75 -3.96 4.37
N PHE A 458 48.91 -2.63 4.24
CA PHE A 458 48.61 -1.99 2.96
C PHE A 458 49.55 -2.44 1.86
N GLU A 459 50.84 -2.61 2.16
CA GLU A 459 51.76 -2.97 1.10
C GLU A 459 51.67 -4.43 0.70
N ASN A 460 50.92 -5.24 1.43
CA ASN A 460 50.80 -6.67 1.12
C ASN A 460 49.42 -7.06 0.61
N ILE A 461 48.50 -6.10 0.46
CA ILE A 461 47.17 -6.41 -0.07
C ILE A 461 47.26 -6.80 -1.52
N VAL A 462 46.63 -7.93 -1.86
CA VAL A 462 46.40 -8.35 -3.23
C VAL A 462 44.92 -8.12 -3.52
N LEU A 463 44.63 -7.31 -4.51
CA LEU A 463 43.25 -7.00 -4.84
C LEU A 463 42.60 -8.19 -5.55
N PRO A 464 41.35 -8.53 -5.21
CA PRO A 464 40.67 -9.60 -5.92
C PRO A 464 40.11 -9.19 -7.27
N TYR A 465 39.94 -7.88 -7.49
CA TYR A 465 39.49 -7.35 -8.76
C TYR A 465 40.00 -5.92 -8.86
N LYS A 466 39.70 -5.29 -9.99
CA LYS A 466 40.18 -3.93 -10.21
C LYS A 466 39.31 -2.91 -9.48
N ILE A 467 39.91 -2.18 -8.54
CA ILE A 467 39.28 -1.04 -7.88
C ILE A 467 40.14 0.15 -8.24
N SER A 468 39.57 1.09 -8.99
CA SER A 468 40.36 2.19 -9.53
C SER A 468 40.78 3.18 -8.45
N GLN A 469 39.95 3.39 -7.44
CA GLN A 469 40.21 4.42 -6.44
C GLN A 469 40.87 3.90 -5.18
N PHE A 470 41.26 2.62 -5.14
CA PHE A 470 41.83 2.06 -3.91
C PHE A 470 43.19 2.68 -3.60
N GLU A 471 43.96 3.01 -4.64
CA GLU A 471 45.30 3.55 -4.43
C GLU A 471 45.27 4.92 -3.76
N THR A 472 44.33 5.78 -4.14
CA THR A 472 44.31 7.11 -3.52
C THR A 472 43.79 7.03 -2.08
N TYR A 473 42.90 6.08 -1.77
CA TYR A 473 42.52 5.85 -0.38
C TYR A 473 43.71 5.37 0.44
N LYS A 474 44.50 4.46 -0.14
CA LYS A 474 45.71 3.98 0.51
C LYS A 474 46.69 5.12 0.78
N LYS A 475 46.88 6.00 -0.21
CA LYS A 475 47.81 7.11 -0.05
C LYS A 475 47.32 8.10 0.99
N ASP A 476 46.00 8.38 1.03
CA ASP A 476 45.48 9.31 2.04
C ASP A 476 45.63 8.76 3.45
N ILE A 477 45.28 7.48 3.66
CA ILE A 477 45.39 6.90 4.99
C ILE A 477 46.85 6.82 5.44
N LEU A 478 47.74 6.38 4.53
CA LEU A 478 49.16 6.29 4.87
C LEU A 478 49.75 7.66 5.13
N ALA A 479 49.33 8.67 4.36
CA ALA A 479 49.84 10.02 4.55
C ALA A 479 49.40 10.61 5.88
N TRP A 480 48.18 10.31 6.31
CA TRP A 480 47.76 10.84 7.61
C TRP A 480 48.40 10.10 8.77
N ILE A 481 48.59 8.78 8.66
CA ILE A 481 49.17 8.08 9.80
C ILE A 481 50.66 8.32 9.87
N ASN A 482 51.32 8.60 8.73
CA ASN A 482 52.76 8.82 8.72
C ASN A 482 53.12 10.30 8.87
N ASP A 483 52.60 11.14 7.98
CA ASP A 483 52.90 12.56 7.98
C ASP A 483 51.81 13.43 8.58
N GLY A 484 50.56 12.98 8.58
CA GLY A 484 49.48 13.77 9.12
C GLY A 484 49.12 14.99 8.29
N HIS A 485 49.09 14.86 6.96
CA HIS A 485 48.79 16.00 6.09
C HIS A 485 47.37 16.53 6.26
N ASP A 486 46.38 15.72 5.90
CA ASP A 486 45.01 16.22 5.70
C ASP A 486 44.06 15.20 6.32
N HIS A 487 43.32 15.64 7.35
CA HIS A 487 42.40 14.74 8.06
C HIS A 487 41.14 14.47 7.26
N LYS A 488 40.70 15.41 6.42
CA LYS A 488 39.46 15.24 5.67
C LYS A 488 39.58 14.10 4.66
N LYS A 489 40.66 14.07 3.89
CA LYS A 489 40.86 12.99 2.93
C LYS A 489 41.10 11.67 3.64
N TYR A 490 41.72 11.70 4.82
CA TYR A 490 41.88 10.49 5.62
C TYR A 490 40.54 9.92 6.04
N THR A 491 39.64 10.78 6.53
CA THR A 491 38.32 10.32 6.94
C THR A 491 37.50 9.82 5.76
N ASP A 492 37.59 10.52 4.62
CA ASP A 492 36.88 10.08 3.42
C ASP A 492 37.41 8.73 2.94
N ALA A 493 38.73 8.55 2.96
CA ALA A 493 39.32 7.27 2.55
C ALA A 493 38.93 6.15 3.49
N LYS A 494 38.90 6.42 4.80
CA LYS A 494 38.49 5.40 5.76
C LYS A 494 37.04 5.01 5.55
N GLN A 495 36.17 6.00 5.29
CA GLN A 495 34.76 5.71 5.02
C GLN A 495 34.59 4.90 3.73
N GLN A 496 35.35 5.23 2.69
CA GLN A 496 35.22 4.50 1.44
C GLN A 496 35.77 3.08 1.53
N LEU A 497 36.83 2.88 2.32
CA LEU A 497 37.30 1.53 2.56
C LEU A 497 36.31 0.75 3.42
N GLY A 498 35.58 1.44 4.30
CA GLY A 498 34.50 0.77 5.02
C GLY A 498 33.38 0.34 4.08
N PHE A 499 33.06 1.18 3.09
CA PHE A 499 32.06 0.80 2.10
C PHE A 499 32.53 -0.38 1.24
N ILE A 500 33.82 -0.40 0.91
CA ILE A 500 34.38 -1.52 0.15
C ILE A 500 34.31 -2.80 0.96
N ARG A 501 34.69 -2.72 2.24
CA ARG A 501 34.70 -3.90 3.10
C ARG A 501 33.30 -4.45 3.34
N GLY A 502 32.30 -3.57 3.42
CA GLY A 502 30.96 -4.00 3.75
C GLY A 502 30.32 -4.86 2.68
N GLY A 503 30.48 -4.47 1.41
CA GLY A 503 29.91 -5.25 0.32
C GLY A 503 30.73 -6.45 -0.10
N LEU A 504 31.87 -6.66 0.57
CA LEU A 504 32.77 -7.74 0.22
C LEU A 504 32.33 -9.08 0.79
N LYS A 505 31.54 -9.06 1.85
CA LYS A 505 31.20 -10.28 2.58
C LYS A 505 30.23 -11.14 1.78
N GLY A 506 30.59 -12.41 1.61
CA GLY A 506 29.75 -13.37 0.91
C GLY A 506 29.96 -13.44 -0.58
N ARG A 507 30.88 -12.66 -1.14
CA ARG A 507 31.04 -12.54 -2.59
C ARG A 507 32.23 -13.32 -3.14
N ILE A 508 32.50 -14.50 -2.61
CA ILE A 508 33.58 -15.34 -3.11
C ILE A 508 33.26 -15.90 -4.49
N ASN A 528 28.15 -16.39 -4.61
CA ASN A 528 27.08 -16.88 -5.48
C ASN A 528 26.18 -17.96 -4.87
N PRO A 529 26.70 -18.92 -4.08
CA PRO A 529 25.77 -19.76 -3.30
C PRO A 529 25.06 -18.99 -2.21
N TYR A 530 25.78 -18.14 -1.48
CA TYR A 530 25.20 -17.37 -0.39
C TYR A 530 24.18 -16.36 -0.92
N THR A 531 24.48 -15.73 -2.06
CA THR A 531 23.54 -14.82 -2.70
C THR A 531 22.28 -15.54 -3.13
N LYS A 532 22.43 -16.77 -3.62
CA LYS A 532 21.28 -17.60 -3.98
C LYS A 532 20.41 -17.90 -2.77
N LEU A 533 21.05 -18.23 -1.63
CA LEU A 533 20.29 -18.51 -0.41
C LEU A 533 19.55 -17.28 0.10
N THR A 534 20.20 -16.11 0.06
CA THR A 534 19.53 -14.88 0.49
C THR A 534 18.38 -14.51 -0.44
N ASN A 535 18.55 -14.70 -1.74
CA ASN A 535 17.48 -14.41 -2.69
C ASN A 535 16.30 -15.36 -2.49
N GLU A 536 16.56 -16.61 -2.13
CA GLU A 536 15.48 -17.53 -1.80
C GLU A 536 14.78 -17.11 -0.51
N PHE A 537 15.54 -16.63 0.48
CA PHE A 537 14.93 -16.21 1.73
C PHE A 537 14.04 -15.00 1.55
N LYS A 538 14.31 -14.15 0.55
CA LYS A 538 13.37 -13.08 0.24
C LYS A 538 11.96 -13.62 0.01
N GLN A 539 11.84 -14.61 -0.88
CA GLN A 539 10.54 -15.22 -1.16
C GLN A 539 9.99 -15.97 0.05
N ILE A 540 10.86 -16.67 0.78
CA ILE A 540 10.39 -17.50 1.89
C ILE A 540 9.84 -16.64 3.02
N SER A 541 10.58 -15.60 3.43
CA SER A 541 10.10 -14.71 4.47
C SER A 541 8.92 -13.87 4.00
N SER A 542 8.84 -13.57 2.70
CA SER A 542 7.67 -12.87 2.19
C SER A 542 6.42 -13.72 2.31
N THR A 543 6.52 -15.01 1.98
CA THR A 543 5.37 -15.91 2.13
C THR A 543 4.99 -16.08 3.59
N TYR A 544 5.98 -16.20 4.47
CA TYR A 544 5.74 -16.31 5.91
C TYR A 544 4.96 -15.10 6.43
N GLY A 545 5.46 -13.89 6.14
CA GLY A 545 4.78 -12.68 6.59
C GLY A 545 3.40 -12.51 5.97
N LYS A 546 3.27 -12.81 4.68
CA LYS A 546 1.98 -12.74 4.00
C LYS A 546 0.93 -13.61 4.67
N THR A 547 1.27 -14.87 4.91
CA THR A 547 0.30 -15.81 5.44
C THR A 547 -0.10 -15.43 6.87
N PHE A 548 0.88 -15.02 7.68
CA PHE A 548 0.52 -14.66 9.04
C PHE A 548 -0.24 -13.34 9.11
N ALA A 549 0.03 -12.42 8.19
CA ALA A 549 -0.72 -11.16 8.17
C ALA A 549 -2.15 -11.38 7.70
N GLU A 550 -2.35 -12.24 6.70
CA GLU A 550 -3.71 -12.57 6.26
C GLU A 550 -4.49 -13.28 7.35
N LEU A 551 -3.85 -14.23 8.04
CA LEU A 551 -4.51 -14.93 9.15
C LEU A 551 -4.85 -13.97 10.27
N ARG A 552 -3.95 -13.04 10.59
CA ARG A 552 -4.23 -12.05 11.61
C ARG A 552 -5.39 -11.16 11.23
N ASP A 553 -5.43 -10.72 9.96
CA ASP A 553 -6.52 -9.87 9.50
C ASP A 553 -7.87 -10.58 9.56
N LYS A 554 -7.88 -11.87 9.21
CA LYS A 554 -9.14 -12.59 9.21
C LYS A 554 -9.51 -13.19 10.56
N PHE A 555 -8.61 -13.13 11.55
CA PHE A 555 -8.99 -13.45 12.92
C PHE A 555 -9.55 -12.22 13.62
N LYS A 556 -9.07 -11.03 13.26
CA LYS A 556 -9.59 -9.79 13.86
C LYS A 556 -11.02 -9.52 13.44
N GLU A 557 -11.45 -10.10 12.32
CA GLU A 557 -12.79 -9.86 11.81
C GLU A 557 -13.86 -10.47 12.73
N LYS A 558 -13.49 -11.49 13.50
CA LYS A 558 -14.42 -12.14 14.43
C LYS A 558 -14.94 -11.16 15.47
N ASN A 559 -14.09 -10.25 15.93
CA ASN A 559 -14.43 -9.31 16.99
C ASN A 559 -14.81 -7.94 16.48
N GLU A 560 -14.89 -7.75 15.15
CA GLU A 560 -15.34 -6.50 14.56
C GLU A 560 -16.86 -6.48 14.58
N ILE A 561 -17.39 -6.19 15.77
CA ILE A 561 -18.81 -6.39 16.03
C ILE A 561 -19.66 -5.37 15.28
N THR A 562 -19.29 -4.09 15.36
CA THR A 562 -20.03 -3.02 14.69
C THR A 562 -19.20 -2.53 13.52
N LYS A 563 -19.66 -2.81 12.30
CA LYS A 563 -18.94 -2.46 11.09
C LYS A 563 -19.50 -1.22 10.40
N ILE A 564 -20.82 -1.08 10.40
CA ILE A 564 -21.50 0.09 9.85
C ILE A 564 -21.91 0.98 11.01
N THR A 565 -21.45 2.22 10.98
CA THR A 565 -21.77 3.16 12.06
C THR A 565 -22.94 4.07 11.73
N HIS A 566 -23.12 4.42 10.45
CA HIS A 566 -24.15 5.34 10.03
C HIS A 566 -24.94 4.75 8.86
N PHE A 567 -26.20 5.14 8.76
CA PHE A 567 -27.00 4.91 7.57
C PHE A 567 -27.31 6.25 6.93
N GLY A 568 -27.08 6.36 5.61
CA GLY A 568 -27.17 7.63 4.94
C GLY A 568 -27.94 7.55 3.64
N ILE A 569 -28.35 8.74 3.18
CA ILE A 569 -28.93 8.95 1.86
C ILE A 569 -28.21 10.13 1.24
N ILE A 570 -28.25 10.20 -0.09
CA ILE A 570 -27.70 11.34 -0.81
C ILE A 570 -28.83 12.28 -1.18
N ILE A 571 -28.67 13.55 -0.82
CA ILE A 571 -29.67 14.58 -1.05
C ILE A 571 -29.18 15.53 -2.13
N GLU A 572 -30.05 15.90 -3.06
CA GLU A 572 -29.72 16.86 -4.11
C GLU A 572 -30.75 17.98 -4.14
N ASP A 573 -30.27 19.22 -4.34
CA ASP A 573 -31.16 20.37 -4.41
C ASP A 573 -31.29 20.87 -5.84
N LYS A 574 -31.96 22.02 -5.99
CA LYS A 574 -32.27 22.55 -7.32
C LYS A 574 -31.03 23.09 -8.04
N ASN A 575 -29.95 23.36 -7.32
CA ASN A 575 -28.70 23.78 -7.92
C ASN A 575 -27.76 22.62 -8.19
N ARG A 576 -28.26 21.39 -8.06
CA ARG A 576 -27.53 20.13 -8.18
C ARG A 576 -26.41 19.99 -7.17
N ASP A 577 -26.41 20.78 -6.10
CA ASP A 577 -25.50 20.55 -4.99
C ASP A 577 -25.94 19.31 -4.23
N ARG A 578 -25.00 18.42 -3.95
CA ARG A 578 -25.33 17.12 -3.37
C ARG A 578 -24.78 17.01 -1.95
N TYR A 579 -25.54 16.33 -1.10
CA TYR A 579 -25.27 16.23 0.32
C TYR A 579 -25.34 14.78 0.75
N LEU A 580 -24.75 14.49 1.90
CA LEU A 580 -24.91 13.21 2.56
C LEU A 580 -25.58 13.44 3.90
N LEU A 581 -26.76 12.85 4.10
CA LEU A 581 -27.47 12.92 5.36
C LEU A 581 -27.40 11.55 6.03
N ALA A 582 -26.53 11.43 7.03
CA ALA A 582 -26.25 10.16 7.67
C ALA A 582 -26.68 10.20 9.13
N SER A 583 -27.42 9.19 9.56
CA SER A 583 -27.83 9.05 10.95
C SER A 583 -27.01 7.97 11.62
N GLU A 584 -26.47 8.27 12.80
CA GLU A 584 -25.69 7.29 13.54
C GLU A 584 -26.61 6.20 14.09
N LEU A 585 -26.18 4.95 13.94
CA LEU A 585 -26.94 3.81 14.44
C LEU A 585 -26.55 3.50 15.87
N LYS A 586 -26.84 4.42 16.79
CA LYS A 586 -26.51 4.21 18.18
C LYS A 586 -27.70 3.62 18.92
N HIS A 587 -27.42 2.96 20.04
CA HIS A 587 -28.46 2.30 20.82
C HIS A 587 -29.28 3.36 21.57
N GLU A 588 -30.53 3.53 21.16
CA GLU A 588 -31.44 4.47 21.80
C GLU A 588 -32.80 3.79 21.92
N GLN A 589 -33.83 4.60 22.15
CA GLN A 589 -35.18 4.06 22.20
C GLN A 589 -35.70 3.70 20.82
N ILE A 590 -35.23 4.40 19.79
CA ILE A 590 -35.88 4.42 18.49
C ILE A 590 -35.00 3.78 17.44
N ASN A 591 -35.61 3.50 16.28
CA ASN A 591 -34.90 3.00 15.12
C ASN A 591 -34.50 4.17 14.24
N HIS A 592 -33.23 4.19 13.80
CA HIS A 592 -32.74 5.32 13.02
C HIS A 592 -33.00 5.13 11.53
N VAL A 593 -32.82 3.90 11.04
CA VAL A 593 -33.15 3.59 9.66
C VAL A 593 -34.62 3.88 9.39
N SER A 594 -35.49 3.52 10.34
CA SER A 594 -36.91 3.81 10.19
C SER A 594 -37.21 5.29 10.29
N THR A 595 -36.47 6.05 11.11
CA THR A 595 -36.82 7.45 11.26
C THR A 595 -36.31 8.28 10.09
N ILE A 596 -35.40 7.74 9.29
CA ILE A 596 -35.12 8.38 8.01
C ILE A 596 -36.08 7.91 6.93
N LEU A 597 -36.33 6.59 6.86
CA LEU A 597 -37.14 6.04 5.78
C LEU A 597 -38.59 6.48 5.85
N ASN A 598 -39.07 6.88 7.03
CA ASN A 598 -40.45 7.30 7.16
C ASN A 598 -40.67 8.74 6.74
N LYS A 599 -39.61 9.51 6.52
CA LYS A 599 -39.72 10.90 6.15
C LYS A 599 -39.57 11.14 4.65
N LEU A 600 -39.48 10.07 3.86
CA LEU A 600 -39.35 10.21 2.42
C LEU A 600 -40.72 10.12 1.75
N ASP A 601 -40.97 11.05 0.83
CA ASP A 601 -42.20 11.10 0.06
C ASP A 601 -41.87 10.91 -1.41
N LYS A 602 -42.87 11.10 -2.25
CA LYS A 602 -42.67 11.18 -3.69
C LYS A 602 -43.09 12.53 -4.26
N SER A 603 -43.40 13.50 -3.39
CA SER A 603 -43.86 14.82 -3.82
C SER A 603 -43.24 15.94 -3.00
N SER A 604 -41.97 15.84 -2.64
CA SER A 604 -41.28 16.88 -1.90
C SER A 604 -40.23 17.55 -2.78
N GLU A 605 -39.45 18.45 -2.17
CA GLU A 605 -38.65 19.38 -2.95
C GLU A 605 -37.19 18.96 -3.12
N PHE A 606 -36.66 18.11 -2.26
CA PHE A 606 -35.27 17.66 -2.36
C PHE A 606 -35.23 16.23 -2.88
N ILE A 607 -34.31 15.97 -3.81
CA ILE A 607 -34.18 14.65 -4.39
C ILE A 607 -33.31 13.79 -3.49
N THR A 608 -33.69 12.53 -3.27
CA THR A 608 -32.92 11.62 -2.46
C THR A 608 -32.54 10.38 -3.28
N TYR A 609 -31.41 9.78 -2.93
CA TYR A 609 -30.93 8.57 -3.59
C TYR A 609 -30.53 7.52 -2.56
N GLN A 610 -30.89 6.28 -2.84
CA GLN A 610 -30.42 5.11 -2.10
C GLN A 610 -29.89 4.09 -3.09
N VAL A 611 -29.15 3.12 -2.58
CA VAL A 611 -28.67 2.01 -3.38
C VAL A 611 -29.52 0.79 -3.04
N LYS A 612 -30.27 0.31 -4.03
CA LYS A 612 -31.01 -0.94 -3.93
C LYS A 612 -30.24 -1.99 -4.73
N SER A 613 -29.75 -3.02 -4.06
CA SER A 613 -28.83 -3.94 -4.70
C SER A 613 -28.88 -5.29 -4.01
N LEU A 614 -28.24 -6.27 -4.66
CA LEU A 614 -28.12 -7.61 -4.14
C LEU A 614 -26.86 -8.25 -4.73
N THR A 615 -26.20 -9.05 -3.92
CA THR A 615 -24.99 -9.76 -4.36
C THR A 615 -25.11 -11.24 -4.04
N SER A 616 -24.24 -12.02 -4.66
CA SER A 616 -24.15 -13.45 -4.36
C SER A 616 -23.57 -13.69 -2.97
N LYS A 617 -22.81 -12.72 -2.46
CA LYS A 617 -22.32 -12.77 -1.09
C LYS A 617 -23.49 -12.76 -0.11
N THR A 618 -24.52 -11.98 -0.38
CA THR A 618 -25.73 -12.00 0.43
C THR A 618 -26.54 -13.26 0.20
N LEU A 619 -26.55 -13.75 -1.04
CA LEU A 619 -27.35 -14.92 -1.40
C LEU A 619 -26.89 -16.16 -0.65
N ILE A 620 -25.58 -16.34 -0.53
CA ILE A 620 -25.08 -17.51 0.21
C ILE A 620 -25.42 -17.40 1.69
N LYS A 621 -25.45 -16.19 2.24
CA LYS A 621 -25.78 -16.02 3.66
C LYS A 621 -27.27 -16.24 3.90
N LEU A 622 -28.10 -15.91 2.90
CA LEU A 622 -29.52 -16.21 3.02
C LEU A 622 -29.79 -17.69 2.89
N ILE A 623 -29.04 -18.39 2.03
CA ILE A 623 -29.28 -19.82 1.82
C ILE A 623 -28.80 -20.64 3.01
N LYS A 624 -27.55 -20.44 3.42
CA LYS A 624 -26.92 -21.40 4.33
C LYS A 624 -27.40 -21.25 5.76
N ASN A 625 -27.97 -20.11 6.12
CA ASN A 625 -28.30 -19.84 7.50
C ASN A 625 -29.77 -20.05 7.83
N HIS A 626 -30.55 -20.59 6.90
CA HIS A 626 -31.93 -20.95 7.20
C HIS A 626 -31.97 -22.10 8.20
N THR A 627 -32.94 -22.04 9.11
CA THR A 627 -33.12 -23.03 10.14
C THR A 627 -34.47 -23.67 9.95
N THR A 628 -34.51 -25.00 9.96
CA THR A 628 -35.75 -25.74 9.75
C THR A 628 -36.10 -26.61 10.96
N LYS A 629 -35.55 -26.31 12.13
CA LYS A 629 -35.80 -27.09 13.33
C LYS A 629 -37.24 -26.90 13.81
N LYS A 630 -37.59 -27.68 14.84
CA LYS A 630 -38.98 -27.73 15.30
C LYS A 630 -39.40 -26.44 15.98
N GLY A 631 -38.60 -25.94 16.91
CA GLY A 631 -38.99 -24.79 17.69
C GLY A 631 -38.44 -23.47 17.23
N ALA A 632 -37.56 -23.47 16.25
CA ALA A 632 -36.88 -22.24 15.84
C ALA A 632 -37.73 -21.45 14.85
N ILE A 633 -37.58 -20.14 14.89
CA ILE A 633 -38.13 -19.23 13.89
C ILE A 633 -36.96 -18.63 13.14
N SER A 634 -36.84 -18.97 11.87
CA SER A 634 -35.70 -18.54 11.07
C SER A 634 -35.81 -17.05 10.73
N PRO A 635 -34.72 -16.30 10.87
CA PRO A 635 -34.70 -14.93 10.34
C PRO A 635 -34.80 -14.87 8.82
N TYR A 636 -34.54 -15.99 8.15
CA TYR A 636 -34.51 -16.08 6.69
C TYR A 636 -35.67 -16.89 6.14
N ALA A 637 -36.80 -16.95 6.86
CA ALA A 637 -37.92 -17.73 6.41
C ALA A 637 -38.68 -17.06 5.28
N ASP A 638 -38.53 -15.74 5.14
CA ASP A 638 -39.17 -15.05 4.03
C ASP A 638 -38.49 -15.39 2.70
N PHE A 639 -37.20 -15.67 2.72
CA PHE A 639 -36.49 -15.99 1.49
C PHE A 639 -36.81 -17.39 1.00
N HIS A 640 -37.19 -18.29 1.89
CA HIS A 640 -37.27 -19.70 1.56
C HIS A 640 -38.70 -20.13 1.31
N THR A 641 -38.93 -20.80 0.18
CA THR A 641 -40.24 -21.21 -0.26
C THR A 641 -40.51 -22.67 0.11
N SER A 642 -41.60 -23.20 -0.44
CA SER A 642 -42.07 -24.54 -0.11
C SER A 642 -41.54 -25.62 -1.03
N LYS A 643 -40.64 -25.29 -1.95
CA LYS A 643 -40.10 -26.29 -2.85
C LYS A 643 -39.18 -27.25 -2.10
N THR A 644 -38.87 -28.38 -2.75
CA THR A 644 -38.23 -29.50 -2.07
C THR A 644 -36.71 -29.36 -1.99
N GLY A 645 -36.14 -28.30 -2.56
CA GLY A 645 -34.71 -28.26 -2.75
C GLY A 645 -33.89 -28.01 -1.50
N PHE A 646 -34.51 -27.62 -0.39
CA PHE A 646 -33.75 -27.29 0.81
C PHE A 646 -33.45 -28.56 1.60
N ASN A 647 -32.17 -28.83 1.82
CA ASN A 647 -31.72 -29.92 2.66
C ASN A 647 -30.59 -29.39 3.52
N LYS A 648 -30.85 -29.24 4.83
CA LYS A 648 -29.92 -28.54 5.70
C LYS A 648 -28.62 -29.31 5.88
N ASN A 649 -28.69 -30.63 5.95
CA ASN A 649 -27.50 -31.44 6.16
C ASN A 649 -26.58 -31.38 4.95
N GLU A 650 -27.15 -31.49 3.75
CA GLU A 650 -26.34 -31.44 2.54
C GLU A 650 -25.95 -30.03 2.16
N ILE A 651 -26.53 -29.02 2.80
CA ILE A 651 -26.05 -27.66 2.61
C ILE A 651 -24.88 -27.37 3.54
N GLU A 652 -24.99 -27.78 4.80
CA GLU A 652 -23.90 -27.54 5.74
C GLU A 652 -22.68 -28.43 5.48
N LYS A 653 -22.90 -29.72 5.26
CA LYS A 653 -21.79 -30.66 5.16
C LYS A 653 -21.33 -30.91 3.73
N ASN A 654 -22.18 -30.66 2.74
CA ASN A 654 -21.85 -31.05 1.37
C ASN A 654 -22.17 -29.96 0.37
N TRP A 655 -21.79 -28.70 0.64
CA TRP A 655 -22.25 -27.59 -0.17
C TRP A 655 -21.69 -27.65 -1.59
N ASP A 656 -20.39 -27.96 -1.72
CA ASP A 656 -19.75 -27.91 -3.03
C ASP A 656 -20.21 -29.04 -3.95
N ASN A 657 -20.88 -30.06 -3.41
CA ASN A 657 -21.43 -31.13 -4.22
C ASN A 657 -22.94 -30.99 -4.39
N TYR A 658 -23.62 -30.45 -3.37
CA TYR A 658 -25.07 -30.27 -3.47
C TYR A 658 -25.43 -29.08 -4.35
N LYS A 659 -24.52 -28.12 -4.51
CA LYS A 659 -24.82 -26.95 -5.32
C LYS A 659 -24.83 -27.25 -6.80
N ARG A 660 -24.31 -28.40 -7.22
CA ARG A 660 -24.34 -28.77 -8.63
C ARG A 660 -25.56 -29.59 -9.01
N GLU A 661 -26.40 -29.95 -8.03
CA GLU A 661 -27.65 -30.64 -8.32
C GLU A 661 -28.65 -29.66 -8.92
N GLN A 662 -29.47 -30.15 -9.85
CA GLN A 662 -30.45 -29.26 -10.49
C GLN A 662 -31.62 -28.93 -9.57
N VAL A 663 -31.91 -29.78 -8.58
CA VAL A 663 -33.00 -29.49 -7.66
C VAL A 663 -32.70 -28.27 -6.81
N LEU A 664 -31.43 -28.09 -6.42
CA LEU A 664 -31.07 -26.91 -5.66
C LEU A 664 -31.06 -25.66 -6.54
N VAL A 665 -30.65 -25.82 -7.80
CA VAL A 665 -30.67 -24.69 -8.74
C VAL A 665 -32.10 -24.19 -8.93
N GLU A 666 -33.04 -25.11 -9.13
CA GLU A 666 -34.43 -24.69 -9.30
C GLU A 666 -35.02 -24.15 -8.00
N TYR A 667 -34.61 -24.70 -6.85
CA TYR A 667 -35.09 -24.16 -5.58
C TYR A 667 -34.59 -22.74 -5.35
N VAL A 668 -33.33 -22.47 -5.67
CA VAL A 668 -32.77 -21.12 -5.50
C VAL A 668 -33.43 -20.16 -6.46
N LYS A 669 -33.69 -20.60 -7.70
CA LYS A 669 -34.40 -19.77 -8.66
C LYS A 669 -35.82 -19.46 -8.18
N ASP A 670 -36.48 -20.44 -7.57
CA ASP A 670 -37.82 -20.21 -7.04
C ASP A 670 -37.78 -19.29 -5.82
N CYS A 671 -36.74 -19.38 -5.00
CA CYS A 671 -36.60 -18.46 -3.87
C CYS A 671 -36.36 -17.03 -4.35
N LEU A 672 -35.61 -16.87 -5.44
CA LEU A 672 -35.35 -15.53 -5.97
C LEU A 672 -36.55 -14.98 -6.71
N THR A 673 -37.42 -15.84 -7.26
CA THR A 673 -38.56 -15.37 -8.02
C THR A 673 -39.83 -15.20 -7.19
N ASP A 674 -40.20 -16.19 -6.38
CA ASP A 674 -41.54 -16.26 -5.80
C ASP A 674 -41.59 -16.25 -4.28
N SER A 675 -40.53 -15.85 -3.59
CA SER A 675 -40.58 -15.86 -2.14
C SER A 675 -41.23 -14.59 -1.60
N THR A 676 -41.44 -14.57 -0.28
CA THR A 676 -41.96 -13.38 0.37
C THR A 676 -40.93 -12.25 0.35
N MET A 677 -39.64 -12.60 0.47
CA MET A 677 -38.58 -11.61 0.37
C MET A 677 -38.50 -11.00 -1.03
N ALA A 678 -38.74 -11.81 -2.06
CA ALA A 678 -38.66 -11.32 -3.43
C ALA A 678 -39.83 -10.41 -3.76
N LYS A 679 -40.96 -10.59 -3.06
CA LYS A 679 -42.15 -9.81 -3.35
C LYS A 679 -42.23 -8.57 -2.47
N ASN A 680 -41.70 -8.65 -1.26
CA ASN A 680 -41.67 -7.49 -0.37
C ASN A 680 -40.62 -6.49 -0.81
N GLN A 681 -39.45 -6.96 -1.20
CA GLN A 681 -38.36 -6.08 -1.62
C GLN A 681 -38.41 -5.76 -3.10
N ASN A 682 -39.36 -6.34 -3.84
CA ASN A 682 -39.58 -6.10 -5.26
C ASN A 682 -38.32 -6.41 -6.07
N TRP A 683 -37.92 -7.68 -6.04
CA TRP A 683 -36.75 -8.11 -6.79
C TRP A 683 -37.06 -8.26 -8.27
N ALA A 684 -38.31 -8.12 -8.67
CA ALA A 684 -38.65 -8.11 -10.09
C ALA A 684 -38.19 -6.84 -10.79
N GLU A 685 -37.87 -5.80 -10.03
CA GLU A 685 -37.38 -4.55 -10.60
C GLU A 685 -35.96 -4.69 -11.13
N PHE A 686 -35.21 -5.71 -10.68
CA PHE A 686 -33.86 -5.94 -11.16
C PHE A 686 -33.80 -6.53 -12.57
N GLY A 687 -34.92 -7.06 -13.07
CA GLY A 687 -34.94 -7.63 -14.40
C GLY A 687 -34.14 -8.90 -14.56
N TRP A 688 -34.19 -9.81 -13.60
CA TRP A 688 -33.47 -11.06 -13.71
C TRP A 688 -34.10 -11.97 -14.76
N ASN A 689 -33.26 -12.80 -15.38
CA ASN A 689 -33.73 -13.84 -16.29
C ASN A 689 -32.85 -15.07 -16.04
N PHE A 690 -33.38 -16.01 -15.27
CA PHE A 690 -32.65 -17.22 -14.92
C PHE A 690 -32.96 -18.39 -15.85
N GLU A 691 -33.57 -18.14 -17.00
CA GLU A 691 -33.97 -19.22 -17.89
C GLU A 691 -32.76 -19.89 -18.52
N LYS A 692 -31.71 -19.13 -18.81
CA LYS A 692 -30.48 -19.68 -19.34
C LYS A 692 -29.49 -20.08 -18.26
N CYS A 693 -29.84 -19.87 -16.99
CA CYS A 693 -28.95 -20.19 -15.87
C CYS A 693 -29.19 -21.63 -15.45
N ASN A 694 -28.28 -22.53 -15.85
CA ASN A 694 -28.37 -23.94 -15.53
C ASN A 694 -27.40 -24.36 -14.44
N SER A 695 -26.93 -23.40 -13.64
CA SER A 695 -25.95 -23.69 -12.60
C SER A 695 -26.13 -22.66 -11.49
N TYR A 696 -25.53 -22.95 -10.34
CA TYR A 696 -25.54 -21.98 -9.25
C TYR A 696 -24.65 -20.79 -9.59
N GLU A 697 -23.53 -21.02 -10.27
CA GLU A 697 -22.63 -19.95 -10.66
C GLU A 697 -23.24 -19.05 -11.72
N ASP A 698 -24.10 -19.59 -12.59
CA ASP A 698 -24.83 -18.74 -13.53
C ASP A 698 -25.81 -17.83 -12.81
N ILE A 699 -26.48 -18.35 -11.78
CA ILE A 699 -27.37 -17.54 -10.96
C ILE A 699 -26.59 -16.43 -10.26
N GLU A 700 -25.40 -16.78 -9.73
CA GLU A 700 -24.53 -15.80 -9.10
C GLU A 700 -24.11 -14.71 -10.07
N HIS A 701 -23.75 -15.10 -11.31
CA HIS A 701 -23.33 -14.14 -12.31
C HIS A 701 -24.48 -13.21 -12.70
N GLU A 702 -25.69 -13.76 -12.84
CA GLU A 702 -26.85 -12.94 -13.18
C GLU A 702 -27.17 -11.95 -12.08
N ILE A 703 -27.11 -12.40 -10.83
CA ILE A 703 -27.38 -11.51 -9.70
C ILE A 703 -26.33 -10.42 -9.61
N ASP A 704 -25.05 -10.78 -9.78
CA ASP A 704 -23.98 -9.79 -9.70
C ASP A 704 -24.05 -8.80 -10.85
N GLN A 705 -24.46 -9.25 -12.03
CA GLN A 705 -24.49 -8.35 -13.18
C GLN A 705 -25.70 -7.42 -13.14
N LYS A 706 -26.84 -7.90 -12.65
CA LYS A 706 -28.07 -7.13 -12.83
C LYS A 706 -28.60 -6.42 -11.58
N SER A 707 -28.25 -6.87 -10.38
CA SER A 707 -28.95 -6.42 -9.18
C SER A 707 -28.40 -5.09 -8.66
N TYR A 708 -28.75 -4.01 -9.34
CA TYR A 708 -28.40 -2.67 -8.90
C TYR A 708 -29.48 -1.69 -9.35
N LEU A 709 -29.92 -0.86 -8.41
CA LEU A 709 -30.81 0.26 -8.72
C LEU A 709 -30.40 1.46 -7.88
N LEU A 710 -30.57 2.64 -8.43
CA LEU A 710 -30.41 3.88 -7.66
C LEU A 710 -31.80 4.44 -7.41
N GLN A 711 -32.30 4.27 -6.19
CA GLN A 711 -33.70 4.48 -5.87
C GLN A 711 -33.91 5.95 -5.49
N SER A 712 -34.82 6.61 -6.20
CA SER A 712 -35.04 8.05 -6.04
C SER A 712 -36.37 8.31 -5.34
N ASP A 713 -36.30 9.03 -4.23
CA ASP A 713 -37.47 9.49 -3.51
C ASP A 713 -37.33 10.99 -3.30
N THR A 714 -38.20 11.59 -2.49
CA THR A 714 -38.09 13.01 -2.20
C THR A 714 -38.20 13.24 -0.70
N ILE A 715 -37.53 14.29 -0.22
CA ILE A 715 -37.57 14.70 1.17
C ILE A 715 -37.76 16.22 1.20
N SER A 716 -38.30 16.71 2.31
CA SER A 716 -38.59 18.13 2.47
C SER A 716 -37.59 18.78 3.41
N LYS A 717 -37.58 20.12 3.39
CA LYS A 717 -36.64 20.85 4.22
C LYS A 717 -36.98 20.74 5.70
N GLN A 718 -38.27 20.61 6.02
CA GLN A 718 -38.66 20.43 7.41
C GLN A 718 -38.24 19.06 7.94
N SER A 719 -38.25 18.03 7.09
CA SER A 719 -37.80 16.71 7.50
C SER A 719 -36.29 16.71 7.76
N ILE A 720 -35.53 17.39 6.91
CA ILE A 720 -34.09 17.54 7.13
C ILE A 720 -33.82 18.32 8.40
N ALA A 721 -34.62 19.38 8.64
CA ALA A 721 -34.48 20.17 9.84
C ALA A 721 -34.75 19.34 11.09
N SER A 722 -35.77 18.48 11.03
CA SER A 722 -36.07 17.62 12.17
C SER A 722 -34.99 16.57 12.38
N LEU A 723 -34.40 16.05 11.30
CA LEU A 723 -33.38 15.01 11.42
C LEU A 723 -32.07 15.59 11.94
N VAL A 724 -31.72 16.80 11.53
CA VAL A 724 -30.42 17.38 11.87
C VAL A 724 -30.35 17.72 13.36
N GLU A 725 -31.43 18.24 13.93
CA GLU A 725 -31.42 18.46 15.37
C GLU A 725 -31.58 17.18 16.15
N GLY A 726 -31.99 16.09 15.52
CA GLY A 726 -32.02 14.79 16.15
C GLY A 726 -30.70 14.06 16.14
N GLY A 727 -29.65 14.66 15.58
CA GLY A 727 -28.34 14.06 15.58
C GLY A 727 -27.82 13.62 14.23
N CYS A 728 -28.58 13.81 13.15
CA CYS A 728 -28.08 13.46 11.83
C CYS A 728 -27.03 14.46 11.38
N LEU A 729 -26.18 14.01 10.47
CA LEU A 729 -25.10 14.82 9.94
C LEU A 729 -25.35 15.11 8.47
N LEU A 730 -25.32 16.39 8.10
CA LEU A 730 -25.50 16.80 6.71
C LEU A 730 -24.15 17.28 6.20
N LEU A 731 -23.56 16.52 5.29
CA LEU A 731 -22.23 16.80 4.77
C LEU A 731 -22.31 17.17 3.31
N PRO A 732 -21.77 18.31 2.91
CA PRO A 732 -21.71 18.62 1.47
C PRO A 732 -20.68 17.76 0.76
N ILE A 733 -20.94 17.46 -0.51
CA ILE A 733 -20.02 16.69 -1.34
C ILE A 733 -19.36 17.66 -2.31
N ILE A 734 -18.04 17.81 -2.19
CA ILE A 734 -17.30 18.92 -2.78
C ILE A 734 -16.08 18.41 -3.50
N ASN A 735 -15.90 18.83 -4.75
CA ASN A 735 -14.55 18.94 -5.30
C ASN A 735 -14.47 20.26 -6.05
N GLN A 736 -13.34 20.45 -6.74
CA GLN A 736 -13.01 21.78 -7.27
C GLN A 736 -13.97 22.20 -8.37
N ASP A 737 -14.38 21.27 -9.22
CA ASP A 737 -15.13 21.65 -10.41
C ASP A 737 -16.61 21.30 -10.35
N ILE A 738 -17.07 20.59 -9.33
CA ILE A 738 -18.52 20.49 -9.11
C ILE A 738 -19.04 21.59 -8.21
N THR A 739 -18.16 22.37 -7.60
CA THR A 739 -18.54 23.53 -6.80
C THR A 739 -18.00 24.83 -7.38
N SER A 740 -17.71 24.87 -8.67
CA SER A 740 -17.11 26.05 -9.28
C SER A 740 -18.21 27.00 -9.77
N LYS A 741 -17.78 28.15 -10.30
CA LYS A 741 -18.71 29.13 -10.84
C LYS A 741 -19.48 28.57 -12.02
N GLU A 742 -18.77 28.28 -13.10
CA GLU A 742 -19.28 27.45 -14.18
C GLU A 742 -18.87 26.03 -13.88
N ARG A 743 -19.79 25.09 -14.01
CA ARG A 743 -19.60 23.79 -13.39
C ARG A 743 -19.39 22.68 -14.41
N LYS A 744 -18.54 22.93 -15.40
CA LYS A 744 -18.15 21.89 -16.34
C LYS A 744 -17.27 20.86 -15.63
N ASP A 745 -17.50 19.58 -15.94
CA ASP A 745 -16.73 18.51 -15.32
C ASP A 745 -15.45 18.27 -16.11
N LYS A 746 -14.33 18.52 -15.48
CA LYS A 746 -13.03 18.44 -16.12
C LYS A 746 -12.19 17.29 -15.61
N ASN A 747 -12.23 17.02 -14.30
CA ASN A 747 -11.58 15.84 -13.75
C ASN A 747 -12.38 14.59 -14.13
N GLN A 748 -11.68 13.45 -14.16
CA GLN A 748 -12.37 12.19 -14.41
C GLN A 748 -13.24 11.80 -13.22
N PHE A 749 -12.85 12.22 -12.01
CA PHE A 749 -13.64 11.90 -10.83
C PHE A 749 -15.00 12.58 -10.87
N SER A 750 -15.07 13.82 -11.35
CA SER A 750 -16.36 14.51 -11.41
C SER A 750 -17.21 14.00 -12.55
N LYS A 751 -16.59 13.58 -13.66
CA LYS A 751 -17.33 12.94 -14.74
C LYS A 751 -17.90 11.60 -14.29
N ASP A 752 -17.13 10.85 -13.49
CA ASP A 752 -17.63 9.62 -12.89
C ASP A 752 -18.75 9.90 -11.90
N TRP A 753 -18.61 10.95 -11.10
CA TRP A 753 -19.61 11.31 -10.10
C TRP A 753 -20.93 11.67 -10.75
N ASN A 754 -20.89 12.46 -11.81
CA ASN A 754 -22.12 12.79 -12.52
C ASN A 754 -22.61 11.62 -13.37
N HIS A 755 -21.76 10.63 -13.64
CA HIS A 755 -22.19 9.43 -14.35
C HIS A 755 -22.89 8.44 -13.43
N ILE A 756 -22.58 8.46 -12.13
CA ILE A 756 -23.26 7.56 -11.18
C ILE A 756 -24.74 7.91 -11.08
N PHE A 757 -25.06 9.20 -11.05
CA PHE A 757 -26.44 9.60 -10.81
C PHE A 757 -27.28 9.61 -12.07
N GLU A 758 -26.81 8.97 -13.13
CA GLU A 758 -27.67 8.56 -14.23
C GLU A 758 -28.32 7.21 -13.97
N GLY A 759 -27.88 6.48 -12.95
CA GLY A 759 -28.54 5.28 -12.50
C GLY A 759 -28.26 4.02 -13.29
N SER A 760 -27.20 3.99 -14.09
CA SER A 760 -26.94 2.83 -14.94
C SER A 760 -26.25 1.71 -14.15
N LYS A 761 -26.48 0.48 -14.60
CA LYS A 761 -25.84 -0.68 -13.98
C LYS A 761 -24.39 -0.80 -14.41
N GLU A 762 -24.00 -0.15 -15.50
CA GLU A 762 -22.63 -0.21 -15.99
C GLU A 762 -21.66 0.40 -15.00
N PHE A 763 -22.03 1.54 -14.42
CA PHE A 763 -21.19 2.28 -13.46
C PHE A 763 -22.00 2.45 -12.18
N ARG A 764 -21.60 1.77 -11.12
CA ARG A 764 -22.37 1.67 -9.89
C ARG A 764 -21.72 2.47 -8.78
N LEU A 765 -22.53 2.83 -7.79
CA LEU A 765 -22.01 3.31 -6.52
C LEU A 765 -22.12 2.19 -5.50
N HIS A 766 -20.98 1.80 -4.93
CA HIS A 766 -21.01 0.82 -3.86
C HIS A 766 -21.70 1.42 -2.64
N PRO A 767 -22.63 0.71 -2.01
CA PRO A 767 -23.40 1.31 -0.91
C PRO A 767 -22.56 1.71 0.30
N GLU A 768 -21.45 1.04 0.57
CA GLU A 768 -20.63 1.31 1.75
C GLU A 768 -19.44 2.19 1.39
N PHE A 769 -19.18 3.17 2.25
CA PHE A 769 -18.02 4.05 2.11
C PHE A 769 -17.64 4.57 3.48
N ALA A 770 -16.45 5.14 3.57
CA ALA A 770 -15.89 5.62 4.82
C ALA A 770 -15.72 7.13 4.80
N VAL A 771 -15.89 7.75 5.95
CA VAL A 771 -15.64 9.18 6.15
C VAL A 771 -14.46 9.32 7.08
N SER A 772 -13.49 10.15 6.69
CA SER A 772 -12.30 10.42 7.47
C SER A 772 -12.18 11.92 7.68
N TYR A 773 -11.29 12.32 8.58
CA TYR A 773 -10.96 13.72 8.73
C TYR A 773 -9.45 13.89 8.89
N ARG A 774 -8.97 15.06 8.47
CA ARG A 774 -7.57 15.45 8.62
C ARG A 774 -7.54 16.74 9.41
N THR A 775 -6.85 16.73 10.55
CA THR A 775 -6.73 17.92 11.37
C THR A 775 -5.77 18.91 10.72
N PRO A 776 -5.97 20.21 10.96
CA PRO A 776 -5.10 21.22 10.33
C PRO A 776 -3.67 21.16 10.83
N ILE A 777 -2.74 21.54 9.96
CA ILE A 777 -1.33 21.65 10.29
C ILE A 777 -1.06 23.10 10.70
N GLU A 778 -0.44 23.28 11.87
CA GLU A 778 -0.11 24.62 12.32
C GLU A 778 0.97 25.23 11.42
N GLY A 779 0.87 26.54 11.21
CA GLY A 779 1.70 27.22 10.24
C GLY A 779 1.11 27.31 8.86
N TYR A 780 -0.09 26.78 8.63
CA TYR A 780 -0.77 26.91 7.36
C TYR A 780 -1.95 27.86 7.50
N PRO A 781 -2.20 28.71 6.51
CA PRO A 781 -3.39 29.57 6.56
C PRO A 781 -4.65 28.77 6.35
N VAL A 782 -5.78 29.37 6.76
CA VAL A 782 -7.09 28.77 6.51
C VAL A 782 -7.45 28.83 5.03
N GLN A 783 -6.74 29.67 4.26
CA GLN A 783 -6.97 29.76 2.82
C GLN A 783 -6.57 28.48 2.10
N LYS A 784 -5.58 27.75 2.60
CA LYS A 784 -5.12 26.51 1.98
C LYS A 784 -5.67 25.33 2.76
N ARG A 785 -5.73 24.17 2.09
CA ARG A 785 -6.50 23.04 2.60
C ARG A 785 -5.88 22.40 3.83
N TYR A 786 -4.58 22.57 4.06
CA TYR A 786 -3.93 21.97 5.21
C TYR A 786 -4.01 22.83 6.46
N GLY A 787 -4.55 24.04 6.36
CA GLY A 787 -4.84 24.83 7.53
C GLY A 787 -6.31 24.72 7.91
N ARG A 788 -6.95 23.66 7.44
CA ARG A 788 -8.37 23.50 7.55
C ARG A 788 -8.68 22.07 8.00
N LEU A 789 -9.72 21.90 8.81
CA LEU A 789 -10.16 20.57 9.20
C LEU A 789 -10.94 19.93 8.06
N GLN A 790 -10.28 19.04 7.33
CA GLN A 790 -10.83 18.51 6.08
C GLN A 790 -11.48 17.16 6.33
N PHE A 791 -12.79 17.08 6.08
CA PHE A 791 -13.48 15.80 6.06
C PHE A 791 -13.50 15.25 4.65
N VAL A 792 -13.27 13.95 4.52
CA VAL A 792 -13.15 13.28 3.24
C VAL A 792 -14.12 12.11 3.18
N CYS A 793 -14.93 12.05 2.13
CA CYS A 793 -15.82 10.93 1.86
C CYS A 793 -15.26 10.09 0.73
N ALA A 794 -14.90 8.84 1.02
CA ALA A 794 -14.23 7.98 0.05
C ALA A 794 -15.24 7.01 -0.56
N PHE A 795 -15.93 7.50 -1.59
CA PHE A 795 -16.91 6.68 -2.30
C PHE A 795 -16.21 5.64 -3.16
N ASN A 796 -16.85 4.50 -3.32
CA ASN A 796 -16.34 3.39 -4.12
C ASN A 796 -17.28 3.18 -5.30
N ALA A 797 -16.72 3.19 -6.51
CA ALA A 797 -17.50 2.93 -7.71
C ALA A 797 -17.04 1.63 -8.36
N HIS A 798 -17.98 0.92 -8.97
CA HIS A 798 -17.69 -0.35 -9.61
C HIS A 798 -18.05 -0.29 -11.09
N ILE A 799 -17.14 -0.73 -11.93
CA ILE A 799 -17.41 -0.90 -13.36
C ILE A 799 -17.78 -2.35 -13.60
N VAL A 800 -19.07 -2.61 -13.80
CA VAL A 800 -19.55 -3.96 -14.04
C VAL A 800 -19.98 -4.06 -15.49
N PRO A 801 -19.25 -4.79 -16.34
CA PRO A 801 -19.65 -4.92 -17.74
C PRO A 801 -21.00 -5.60 -17.91
N GLN A 802 -21.83 -5.03 -18.77
CA GLN A 802 -23.21 -5.49 -18.94
C GLN A 802 -23.45 -6.26 -20.23
N ASN A 803 -22.44 -6.39 -21.08
CA ASN A 803 -22.64 -6.93 -22.42
C ASN A 803 -22.59 -8.44 -22.49
N GLY A 804 -22.02 -9.11 -21.49
CA GLY A 804 -21.96 -10.55 -21.54
C GLY A 804 -21.37 -11.17 -20.29
N GLU A 805 -20.50 -12.17 -20.48
CA GLU A 805 -19.84 -12.84 -19.37
C GLU A 805 -18.71 -11.97 -18.84
N PHE A 806 -18.94 -11.31 -17.72
CA PHE A 806 -17.90 -10.49 -17.10
C PHE A 806 -17.17 -11.29 -16.03
N ILE A 807 -16.02 -10.76 -15.61
CA ILE A 807 -15.12 -11.44 -14.68
C ILE A 807 -15.04 -10.60 -13.42
N ASN A 808 -15.41 -11.19 -12.29
CA ASN A 808 -15.54 -10.45 -11.04
C ASN A 808 -14.19 -10.24 -10.37
N LEU A 809 -14.21 -9.52 -9.25
CA LEU A 809 -12.97 -9.15 -8.56
C LEU A 809 -12.29 -10.36 -7.94
N LYS A 810 -13.07 -11.27 -7.35
CA LYS A 810 -12.49 -12.43 -6.69
C LYS A 810 -11.83 -13.37 -7.69
N LYS A 811 -12.44 -13.54 -8.86
CA LYS A 811 -11.84 -14.33 -9.93
C LYS A 811 -10.54 -13.71 -10.40
N GLN A 812 -10.49 -12.37 -10.45
CA GLN A 812 -9.25 -11.67 -10.81
C GLN A 812 -8.16 -11.93 -9.78
N ILE A 813 -8.50 -11.85 -8.49
CA ILE A 813 -7.52 -12.14 -7.45
C ILE A 813 -7.03 -13.57 -7.56
N GLU A 814 -7.92 -14.50 -7.90
CA GLU A 814 -7.53 -15.89 -8.10
C GLU A 814 -6.56 -16.04 -9.27
N ASN A 815 -6.79 -15.30 -10.35
CA ASN A 815 -5.91 -15.41 -11.51
C ASN A 815 -4.57 -14.72 -11.29
N PHE A 816 -4.56 -13.62 -10.55
CA PHE A 816 -3.31 -12.90 -10.32
C PHE A 816 -2.36 -13.67 -9.42
N ASN A 817 -2.90 -14.57 -8.59
CA ASN A 817 -2.07 -15.34 -7.68
C ASN A 817 -1.39 -16.52 -8.37
N ASP A 818 -1.88 -16.96 -9.52
CA ASP A 818 -1.30 -18.06 -10.27
C ASP A 818 -0.63 -17.49 -11.51
N GLU A 819 0.68 -17.73 -11.65
CA GLU A 819 1.43 -17.16 -12.75
C GLU A 819 1.17 -17.87 -14.08
N ASP A 820 0.82 -19.15 -14.04
CA ASP A 820 0.56 -19.89 -15.27
C ASP A 820 -0.78 -19.51 -15.88
N VAL A 821 -1.81 -19.33 -15.04
CA VAL A 821 -3.09 -18.82 -15.50
C VAL A 821 -2.94 -17.41 -16.06
N GLN A 822 -2.10 -16.60 -15.41
CA GLN A 822 -1.84 -15.25 -15.89
C GLN A 822 -1.14 -15.27 -17.25
N LYS A 823 -0.19 -16.19 -17.44
CA LYS A 823 0.46 -16.33 -18.74
C LYS A 823 -0.52 -16.73 -19.82
N ARG A 824 -1.41 -17.67 -19.52
CA ARG A 824 -2.42 -18.10 -20.49
C ARG A 824 -3.37 -16.96 -20.82
N ASN A 825 -3.75 -16.18 -19.81
CA ASN A 825 -4.66 -15.07 -20.01
C ASN A 825 -4.03 -13.98 -20.88
N VAL A 826 -2.75 -13.69 -20.64
CA VAL A 826 -2.04 -12.71 -21.46
C VAL A 826 -1.94 -13.21 -22.90
N THR A 827 -1.66 -14.50 -23.09
CA THR A 827 -1.56 -15.06 -24.43
C THR A 827 -2.87 -14.97 -25.20
N GLU A 828 -3.99 -15.32 -24.55
CA GLU A 828 -5.28 -15.23 -25.24
C GLU A 828 -5.70 -13.78 -25.47
N PHE A 829 -5.37 -12.87 -24.54
CA PHE A 829 -5.70 -11.46 -24.76
C PHE A 829 -4.96 -10.91 -25.96
N ASN A 830 -3.64 -11.13 -26.05
CA ASN A 830 -2.95 -10.55 -27.19
C ASN A 830 -3.22 -11.34 -28.46
N LYS A 831 -3.74 -12.56 -28.35
CA LYS A 831 -4.26 -13.25 -29.53
C LYS A 831 -5.45 -12.51 -30.11
N LYS A 832 -6.41 -12.12 -29.25
CA LYS A 832 -7.54 -11.32 -29.72
C LYS A 832 -7.09 -9.95 -30.23
N VAL A 833 -6.10 -9.34 -29.55
CA VAL A 833 -5.61 -8.02 -29.95
C VAL A 833 -4.95 -8.09 -31.33
N ASN A 834 -4.09 -9.07 -31.56
CA ASN A 834 -3.41 -9.17 -32.85
C ASN A 834 -4.38 -9.56 -33.95
N HIS A 835 -5.43 -10.33 -33.62
CA HIS A 835 -6.45 -10.61 -34.62
C HIS A 835 -7.21 -9.35 -34.99
N ALA A 836 -7.48 -8.48 -34.01
CA ALA A 836 -8.24 -7.26 -34.27
C ALA A 836 -7.48 -6.30 -35.17
N LEU A 837 -6.16 -6.20 -34.98
CA LEU A 837 -5.35 -5.18 -35.63
C LEU A 837 -4.54 -5.68 -36.81
N SER A 838 -4.68 -6.96 -37.19
CA SER A 838 -3.82 -7.54 -38.21
C SER A 838 -3.99 -6.88 -39.58
N ASP A 839 -5.25 -6.66 -39.98
CA ASP A 839 -5.56 -6.15 -41.30
C ASP A 839 -5.77 -4.65 -41.32
N LYS A 840 -5.69 -3.98 -40.18
CA LYS A 840 -5.90 -2.55 -40.12
C LYS A 840 -4.58 -1.82 -40.38
N GLU A 841 -4.70 -0.52 -40.67
CA GLU A 841 -3.53 0.33 -40.86
C GLU A 841 -3.10 0.90 -39.52
N TYR A 842 -2.45 0.05 -38.74
CA TYR A 842 -1.97 0.45 -37.44
C TYR A 842 -0.65 1.19 -37.57
N VAL A 843 -0.24 1.82 -36.47
CA VAL A 843 1.08 2.43 -36.34
C VAL A 843 1.76 1.78 -35.14
N VAL A 844 3.06 2.00 -35.02
CA VAL A 844 3.83 1.54 -33.87
C VAL A 844 4.47 2.75 -33.22
N ILE A 845 4.23 2.90 -31.93
CA ILE A 845 4.77 4.01 -31.14
C ILE A 845 5.90 3.46 -30.28
N GLY A 846 7.13 3.86 -30.59
CA GLY A 846 8.29 3.46 -29.82
C GLY A 846 8.68 4.56 -28.85
N ILE A 847 8.97 4.15 -27.61
CA ILE A 847 9.38 5.09 -26.57
C ILE A 847 10.76 4.70 -26.08
N ASP A 848 11.71 5.61 -26.20
CA ASP A 848 13.01 5.51 -25.55
C ASP A 848 12.92 6.15 -24.18
N ARG A 849 13.79 5.71 -23.27
CA ARG A 849 13.81 6.24 -21.91
C ARG A 849 15.24 6.54 -21.51
N GLY A 850 15.40 7.58 -20.70
CA GLY A 850 16.73 7.99 -20.33
C GLY A 850 16.73 9.10 -19.31
N LEU A 851 17.83 9.85 -19.28
CA LEU A 851 18.05 10.95 -18.35
C LEU A 851 18.15 12.30 -19.03
N LYS A 852 18.80 12.38 -20.18
CA LYS A 852 18.81 13.62 -20.96
C LYS A 852 17.40 13.96 -21.42
N GLN A 853 16.72 12.98 -21.99
CA GLN A 853 15.30 13.06 -22.29
C GLN A 853 14.63 11.93 -21.54
N LEU A 854 13.71 12.27 -20.63
CA LEU A 854 13.08 11.28 -19.77
C LEU A 854 12.28 10.27 -20.59
N ALA A 855 11.70 10.71 -21.70
CA ALA A 855 11.09 9.82 -22.67
C ALA A 855 11.14 10.50 -24.02
N THR A 856 11.32 9.70 -25.06
CA THR A 856 11.30 10.17 -26.44
C THR A 856 10.31 9.30 -27.20
N LEU A 857 9.49 9.92 -28.05
CA LEU A 857 8.40 9.22 -28.72
C LEU A 857 8.57 9.32 -30.24
N CYS A 858 8.56 8.18 -30.91
CA CYS A 858 8.57 8.10 -32.36
C CYS A 858 7.43 7.22 -32.85
N VAL A 859 6.60 7.76 -33.74
CA VAL A 859 5.51 7.00 -34.35
C VAL A 859 5.95 6.53 -35.72
N LEU A 860 5.83 5.24 -35.97
CA LEU A 860 6.19 4.65 -37.26
C LEU A 860 4.95 4.13 -37.96
N ASP A 861 4.83 4.45 -39.23
CA ASP A 861 3.93 3.76 -40.14
C ASP A 861 4.26 2.27 -40.16
N LYS A 862 3.27 1.43 -40.46
CA LYS A 862 3.46 -0.02 -40.34
C LYS A 862 4.42 -0.58 -41.38
N ARG A 863 4.82 0.20 -42.38
CA ARG A 863 5.93 -0.15 -43.25
C ARG A 863 7.24 0.45 -42.78
N GLY A 864 7.24 1.15 -41.66
CA GLY A 864 8.45 1.70 -41.09
C GLY A 864 8.67 3.18 -41.32
N LYS A 865 7.76 3.88 -41.99
CA LYS A 865 7.95 5.30 -42.25
C LYS A 865 7.72 6.12 -41.00
N ILE A 866 8.63 7.05 -40.72
CA ILE A 866 8.47 7.94 -39.59
C ILE A 866 7.30 8.88 -39.85
N LEU A 867 6.36 8.93 -38.92
CA LEU A 867 5.21 9.81 -39.01
C LEU A 867 5.33 10.91 -37.97
N GLY A 868 4.78 12.07 -38.29
CA GLY A 868 4.60 13.09 -37.28
C GLY A 868 4.90 14.50 -37.73
N ASP A 869 3.89 15.34 -37.57
CA ASP A 869 3.99 16.78 -37.78
C ASP A 869 3.30 17.44 -36.59
N PHE A 870 3.68 17.00 -35.39
CA PHE A 870 2.99 17.40 -34.17
C PHE A 870 3.09 18.91 -33.97
N GLU A 871 1.95 19.56 -33.77
CA GLU A 871 1.94 20.97 -33.44
C GLU A 871 2.26 21.14 -31.97
N ILE A 872 3.30 21.89 -31.66
CA ILE A 872 3.71 22.15 -30.28
C ILE A 872 3.32 23.58 -29.94
N TYR A 873 2.53 23.72 -28.88
CA TYR A 873 1.99 25.01 -28.50
C TYR A 873 2.72 25.57 -27.30
N LYS A 874 2.38 26.82 -26.95
CA LYS A 874 2.86 27.48 -25.76
C LYS A 874 1.71 28.30 -25.19
N LYS A 875 1.82 28.68 -23.92
CA LYS A 875 0.78 29.46 -23.27
C LYS A 875 1.29 30.85 -22.90
N GLU A 876 0.38 31.82 -22.94
CA GLU A 876 0.56 33.11 -22.31
C GLU A 876 -0.69 33.38 -21.49
N PHE A 877 -0.50 33.98 -20.33
CA PHE A 877 -1.66 34.40 -19.54
C PHE A 877 -2.04 35.81 -19.93
N VAL A 878 -3.31 36.02 -20.24
CA VAL A 878 -3.83 37.30 -20.69
C VAL A 878 -4.71 37.87 -19.59
N ARG A 879 -4.33 39.02 -19.06
CA ARG A 879 -5.15 39.74 -18.10
C ARG A 879 -6.28 40.45 -18.83
N ALA A 880 -7.49 40.31 -18.32
CA ALA A 880 -8.63 40.97 -18.93
C ALA A 880 -9.00 42.23 -18.15
N GLU A 881 -9.73 43.12 -18.80
CA GLU A 881 -10.24 44.32 -18.13
C GLU A 881 -11.21 43.93 -17.01
N LYS A 882 -12.16 43.06 -17.31
CA LYS A 882 -12.97 42.40 -16.30
C LYS A 882 -12.13 41.23 -15.78
N ARG A 883 -11.67 41.35 -14.53
CA ARG A 883 -10.56 40.53 -14.06
C ARG A 883 -10.92 39.06 -13.94
N SER A 884 -12.21 38.74 -13.86
CA SER A 884 -12.63 37.35 -13.80
C SER A 884 -12.49 36.66 -15.15
N GLU A 885 -12.32 37.42 -16.22
CA GLU A 885 -12.22 36.89 -17.57
C GLU A 885 -10.78 36.66 -18.02
N SER A 886 -9.82 36.76 -17.12
CA SER A 886 -8.43 36.47 -17.44
C SER A 886 -8.29 34.99 -17.78
N HIS A 887 -7.42 34.69 -18.75
CA HIS A 887 -7.38 33.33 -19.28
C HIS A 887 -6.02 33.06 -19.91
N TRP A 888 -5.82 31.80 -20.27
CA TRP A 888 -4.63 31.37 -20.99
C TRP A 888 -4.90 31.37 -22.49
N GLU A 889 -3.93 31.81 -23.27
CA GLU A 889 -4.01 31.76 -24.73
C GLU A 889 -2.91 30.86 -25.27
N HIS A 890 -3.26 30.04 -26.26
CA HIS A 890 -2.32 29.10 -26.85
C HIS A 890 -2.04 29.50 -28.29
N THR A 891 -0.76 29.57 -28.64
CA THR A 891 -0.31 29.78 -30.00
C THR A 891 0.66 28.67 -30.38
N GLN A 892 0.67 28.31 -31.65
CA GLN A 892 1.56 27.25 -32.11
C GLN A 892 2.98 27.77 -32.16
N ALA A 893 3.90 27.05 -31.51
CA ALA A 893 5.28 27.47 -31.42
C ALA A 893 6.17 26.76 -32.42
N GLU A 894 6.07 25.44 -32.52
CA GLU A 894 6.97 24.65 -33.35
C GLU A 894 6.17 23.53 -34.00
N THR A 895 6.85 22.80 -34.88
CA THR A 895 6.37 21.52 -35.41
C THR A 895 7.48 20.50 -35.22
N ARG A 896 7.19 19.44 -34.45
CA ARG A 896 8.17 18.44 -34.11
C ARG A 896 7.68 17.07 -34.57
N HIS A 897 8.62 16.23 -35.00
CA HIS A 897 8.30 14.92 -35.54
C HIS A 897 8.52 13.82 -34.51
N ILE A 898 9.72 13.71 -33.98
CA ILE A 898 10.02 12.80 -32.88
C ILE A 898 10.06 13.64 -31.62
N LEU A 899 9.26 13.25 -30.63
CA LEU A 899 8.92 14.11 -29.51
C LEU A 899 9.76 13.77 -28.29
N ASP A 900 10.42 14.78 -27.73
CA ASP A 900 10.91 14.70 -26.36
C ASP A 900 9.74 14.96 -25.41
N LEU A 901 9.36 13.94 -24.64
CA LEU A 901 8.16 14.03 -23.83
C LEU A 901 8.41 14.68 -22.48
N SER A 902 9.64 15.15 -22.23
CA SER A 902 10.06 15.53 -20.89
C SER A 902 9.33 16.76 -20.39
N ASN A 903 9.18 17.78 -21.23
CA ASN A 903 8.62 19.07 -20.84
C ASN A 903 7.24 19.32 -21.42
N LEU A 904 6.58 18.29 -21.93
CA LEU A 904 5.31 18.43 -22.62
C LEU A 904 4.14 18.02 -21.74
N ARG A 905 2.98 18.62 -21.99
CA ARG A 905 1.75 18.26 -21.31
C ARG A 905 0.56 18.56 -22.21
N VAL A 906 -0.46 17.72 -22.13
CA VAL A 906 -1.70 17.97 -22.86
C VAL A 906 -2.51 19.04 -22.14
N GLU A 907 -3.02 20.00 -22.90
CA GLU A 907 -3.86 21.06 -22.37
C GLU A 907 -5.09 21.22 -23.25
N THR A 908 -6.20 21.62 -22.64
CA THR A 908 -7.38 22.02 -23.39
C THR A 908 -7.43 23.54 -23.43
N THR A 909 -7.52 24.09 -24.63
CA THR A 909 -7.60 25.53 -24.81
C THR A 909 -8.97 26.04 -24.42
N ILE A 910 -9.10 27.37 -24.39
CA ILE A 910 -10.39 27.98 -24.04
C ILE A 910 -11.43 27.73 -25.12
N GLU A 911 -11.01 27.37 -26.32
CA GLU A 911 -11.95 26.97 -27.37
C GLU A 911 -12.40 25.52 -27.23
N GLY A 912 -11.75 24.72 -26.38
CA GLY A 912 -12.08 23.33 -26.21
C GLY A 912 -11.21 22.36 -26.98
N LYS A 913 -10.14 22.82 -27.60
CA LYS A 913 -9.27 21.96 -28.38
C LYS A 913 -8.14 21.42 -27.53
N LYS A 914 -7.87 20.12 -27.64
CA LYS A 914 -6.77 19.50 -26.94
C LYS A 914 -5.50 19.57 -27.77
N VAL A 915 -4.43 20.11 -27.16
CA VAL A 915 -3.20 20.43 -27.87
C VAL A 915 -2.01 19.91 -27.06
N LEU A 916 -0.85 19.90 -27.70
CA LEU A 916 0.40 19.61 -27.01
C LEU A 916 1.10 20.92 -26.67
N VAL A 917 1.36 21.14 -25.39
CA VAL A 917 1.98 22.36 -24.91
C VAL A 917 3.32 22.01 -24.27
N ASP A 918 4.35 22.75 -24.65
CA ASP A 918 5.68 22.64 -24.05
C ASP A 918 5.72 23.57 -22.85
N GLN A 919 5.85 23.00 -21.66
CA GLN A 919 5.84 23.81 -20.44
C GLN A 919 7.09 24.64 -20.27
N SER A 920 8.16 24.33 -20.99
CA SER A 920 9.42 25.04 -20.84
C SER A 920 9.49 26.30 -21.69
N LEU A 921 8.56 26.49 -22.63
CA LEU A 921 8.57 27.67 -23.47
C LEU A 921 8.01 28.90 -22.77
N THR A 922 7.38 28.74 -21.61
CA THR A 922 6.84 29.85 -20.85
C THR A 922 7.57 29.96 -19.52
N LEU A 923 7.90 31.18 -19.12
CA LEU A 923 8.58 31.39 -17.85
C LEU A 923 7.58 31.45 -16.70
N VAL A 924 8.03 31.03 -15.53
CA VAL A 924 7.19 31.03 -14.35
C VAL A 924 7.69 32.11 -13.40
N LYS A 925 6.86 32.46 -12.43
CA LYS A 925 7.19 33.56 -11.54
C LYS A 925 7.98 33.06 -10.34
N LYS A 926 8.87 33.91 -9.86
CA LYS A 926 9.75 33.53 -8.76
C LYS A 926 8.97 33.34 -7.47
N ASN A 927 8.02 34.22 -7.18
CA ASN A 927 7.15 34.12 -6.01
C ASN A 927 5.72 33.93 -6.46
N ARG A 928 5.00 33.07 -5.77
CA ARG A 928 3.61 32.79 -6.14
C ARG A 928 2.67 33.84 -5.59
N ASP A 929 1.58 34.07 -6.33
CA ASP A 929 0.63 35.16 -6.13
C ASP A 929 1.33 36.51 -6.18
N THR A 930 2.00 36.75 -7.31
CA THR A 930 2.58 38.06 -7.65
C THR A 930 2.09 38.43 -9.04
N PRO A 931 0.84 38.90 -9.16
CA PRO A 931 0.27 39.17 -10.49
C PRO A 931 0.99 40.24 -11.28
N ASP A 932 1.55 41.24 -10.60
CA ASP A 932 2.18 42.37 -11.27
C ASP A 932 3.67 42.17 -11.51
N GLU A 933 4.22 41.02 -11.12
CA GLU A 933 5.62 40.74 -11.36
C GLU A 933 5.81 40.04 -12.70
N GLU A 934 6.99 40.18 -13.26
CA GLU A 934 7.34 39.47 -14.48
C GLU A 934 7.70 38.03 -14.15
N ALA A 935 7.43 37.13 -15.10
CA ALA A 935 7.85 35.74 -14.97
C ALA A 935 9.24 35.59 -15.56
N THR A 936 10.16 35.03 -14.77
CA THR A 936 11.57 35.00 -15.14
C THR A 936 12.24 33.65 -15.06
N GLU A 937 11.61 32.63 -14.47
CA GLU A 937 12.31 31.38 -14.17
C GLU A 937 11.95 30.31 -15.19
N GLU A 938 12.92 29.45 -15.51
CA GLU A 938 12.68 28.33 -16.39
C GLU A 938 11.85 27.26 -15.70
N ASN A 939 11.20 26.41 -16.51
CA ASN A 939 10.28 25.40 -16.03
C ASN A 939 10.60 24.05 -16.66
N LYS A 940 11.87 23.66 -16.61
CA LYS A 940 12.28 22.33 -17.04
C LYS A 940 11.91 21.31 -15.97
N GLN A 941 11.46 20.12 -16.39
CA GLN A 941 10.94 19.15 -15.44
C GLN A 941 12.01 18.23 -14.89
N LYS A 942 13.09 17.98 -15.63
CA LYS A 942 14.15 17.13 -15.09
C LYS A 942 15.04 17.88 -14.10
N ILE A 943 15.00 19.22 -14.12
CA ILE A 943 15.71 19.99 -13.11
C ILE A 943 15.06 19.81 -11.74
N LYS A 944 13.72 19.62 -11.71
CA LYS A 944 13.04 19.31 -10.47
C LYS A 944 13.55 18.01 -9.85
N LEU A 945 13.71 16.97 -10.67
CA LEU A 945 14.25 15.69 -10.20
C LEU A 945 15.69 15.84 -9.74
N LYS A 946 16.48 16.60 -10.50
CA LYS A 946 17.87 16.84 -10.15
C LYS A 946 18.01 17.53 -8.79
N GLN A 947 17.16 18.53 -8.54
CA GLN A 947 17.23 19.28 -7.30
C GLN A 947 16.74 18.45 -6.11
N LEU A 948 15.70 17.62 -6.32
CA LEU A 948 15.29 16.73 -5.23
C LEU A 948 16.35 15.69 -4.93
N SER A 949 17.08 15.21 -5.95
CA SER A 949 18.17 14.29 -5.70
C SER A 949 19.29 14.95 -4.89
N TYR A 950 19.60 16.21 -5.21
CA TYR A 950 20.61 16.92 -4.43
C TYR A 950 20.16 17.14 -2.99
N ILE A 951 18.89 17.44 -2.78
CA ILE A 951 18.36 17.62 -1.43
C ILE A 951 18.44 16.32 -0.64
N ARG A 952 18.10 15.20 -1.28
CA ARG A 952 18.15 13.91 -0.58
C ARG A 952 19.58 13.48 -0.30
N LYS A 953 20.51 13.78 -1.21
CA LYS A 953 21.93 13.52 -0.94
C LYS A 953 22.44 14.32 0.25
N LEU A 954 22.06 15.59 0.33
CA LEU A 954 22.46 16.41 1.47
C LEU A 954 21.84 15.89 2.76
N GLN A 955 20.59 15.42 2.72
CA GLN A 955 19.95 14.88 3.92
C GLN A 955 20.63 13.60 4.39
N HIS A 956 21.02 12.73 3.45
CA HIS A 956 21.75 11.53 3.80
C HIS A 956 23.08 11.86 4.46
N LYS A 957 23.79 12.86 3.92
CA LYS A 957 25.04 13.26 4.56
C LYS A 957 24.80 13.98 5.88
N MET A 958 23.65 14.62 6.06
CA MET A 958 23.29 15.15 7.37
C MET A 958 23.13 14.03 8.39
N GLN A 959 22.57 12.90 7.96
CA GLN A 959 22.44 11.76 8.85
C GLN A 959 23.78 11.13 9.18
N THR A 960 24.63 10.89 8.17
CA THR A 960 25.84 10.11 8.42
C THR A 960 27.09 10.95 8.65
N ASN A 961 27.15 12.18 8.16
CA ASN A 961 28.35 13.01 8.23
C ASN A 961 27.98 14.41 8.70
N GLU A 962 27.29 14.49 9.83
CA GLU A 962 26.63 15.73 10.26
C GLU A 962 27.62 16.87 10.47
N GLN A 963 28.79 16.59 11.03
CA GLN A 963 29.76 17.65 11.25
C GLN A 963 30.37 18.14 9.93
N ASP A 964 30.52 17.25 8.95
CA ASP A 964 30.99 17.68 7.64
C ASP A 964 29.98 18.56 6.93
N VAL A 965 28.69 18.33 7.16
CA VAL A 965 27.65 19.18 6.58
C VAL A 965 27.65 20.55 7.25
N LEU A 966 27.83 20.59 8.57
CA LEU A 966 27.82 21.86 9.29
C LEU A 966 29.04 22.72 8.95
N ASP A 967 30.10 22.11 8.44
CA ASP A 967 31.31 22.85 8.10
C ASP A 967 31.20 23.56 6.76
N LEU A 968 30.11 23.36 6.03
CA LEU A 968 29.98 23.98 4.71
C LEU A 968 29.69 25.47 4.83
N ILE A 969 29.20 25.93 5.98
CA ILE A 969 28.77 27.31 6.18
C ILE A 969 29.55 28.00 7.29
N ASN A 970 30.84 27.67 7.47
CA ASN A 970 31.59 28.18 8.62
C ASN A 970 31.71 29.70 8.63
N ASN A 971 32.43 30.26 7.67
CA ASN A 971 32.76 31.68 7.68
C ASN A 971 31.86 32.49 6.75
N GLU A 972 30.59 32.10 6.68
CA GLU A 972 29.61 32.70 5.78
C GLU A 972 30.10 32.74 4.34
N PRO A 973 30.21 31.59 3.68
CA PRO A 973 30.80 31.55 2.35
C PRO A 973 29.88 32.17 1.31
N SER A 974 30.48 32.62 0.20
CA SER A 974 29.70 33.05 -0.93
C SER A 974 29.06 31.84 -1.61
N ASP A 975 28.21 32.11 -2.60
CA ASP A 975 27.56 31.02 -3.32
C ASP A 975 28.56 30.16 -4.07
N GLU A 976 29.63 30.77 -4.59
CA GLU A 976 30.66 29.98 -5.26
C GLU A 976 31.45 29.12 -4.29
N GLU A 977 31.88 29.68 -3.16
CA GLU A 977 32.60 28.87 -2.17
C GLU A 977 31.70 27.81 -1.55
N PHE A 978 30.43 28.15 -1.31
CA PHE A 978 29.47 27.17 -0.81
C PHE A 978 29.25 26.05 -1.83
N LYS A 979 29.29 26.39 -3.12
CA LYS A 979 29.16 25.36 -4.15
C LYS A 979 30.37 24.44 -4.17
N LYS A 980 31.58 25.01 -4.12
CA LYS A 980 32.77 24.15 -4.16
C LYS A 980 32.98 23.37 -2.86
N ARG A 981 32.37 23.81 -1.76
CA ARG A 981 32.41 22.98 -0.55
C ARG A 981 31.46 21.79 -0.66
N ILE A 982 30.36 21.96 -1.40
CA ILE A 982 29.40 20.87 -1.57
C ILE A 982 30.00 19.76 -2.42
N GLU A 983 30.78 20.13 -3.44
CA GLU A 983 31.35 19.16 -4.37
C GLU A 983 32.32 18.19 -3.71
N GLY A 984 32.90 18.54 -2.58
CA GLY A 984 33.73 17.61 -1.85
C GLY A 984 32.98 16.67 -0.94
N LEU A 985 31.66 16.76 -0.91
CA LEU A 985 30.80 15.99 -0.03
C LEU A 985 29.69 15.25 -0.78
N ILE A 986 29.12 15.87 -1.80
CA ILE A 986 27.97 15.35 -2.54
C ILE A 986 28.42 15.01 -3.95
N SER A 987 28.01 13.85 -4.45
CA SER A 987 28.32 13.48 -5.82
C SER A 987 27.39 14.19 -6.80
N SER A 988 27.80 14.20 -8.06
CA SER A 988 27.02 14.84 -9.09
C SER A 988 25.81 13.97 -9.48
N PHE A 989 24.86 14.59 -10.18
CA PHE A 989 23.63 13.89 -10.55
C PHE A 989 23.90 12.76 -11.53
N GLY A 990 24.70 13.01 -12.55
CA GLY A 990 24.99 12.01 -13.54
C GLY A 990 24.44 12.27 -14.92
N GLU A 991 23.84 13.44 -15.16
CA GLU A 991 23.41 13.87 -16.48
C GLU A 991 23.60 15.37 -16.56
N GLY A 992 24.09 15.84 -17.69
CA GLY A 992 24.38 17.24 -17.87
C GLY A 992 25.74 17.60 -17.32
N GLN A 993 26.01 18.90 -17.26
CA GLN A 993 27.23 19.40 -16.64
C GLN A 993 27.17 19.13 -15.15
N LYS A 994 28.33 18.89 -14.54
CA LYS A 994 28.38 18.52 -13.13
C LYS A 994 27.94 19.66 -12.24
N TYR A 995 27.04 19.35 -11.30
CA TYR A 995 26.48 20.30 -10.33
C TYR A 995 25.86 21.51 -11.01
N ALA A 996 25.13 21.28 -12.10
CA ALA A 996 24.69 22.37 -12.96
C ALA A 996 23.55 23.18 -12.31
N ASP A 997 22.57 22.50 -11.74
CA ASP A 997 21.39 23.15 -11.18
C ASP A 997 21.25 22.89 -9.69
N LEU A 998 22.33 23.07 -8.95
CA LEU A 998 22.35 22.78 -7.53
C LEU A 998 21.48 23.79 -6.77
N PRO A 999 20.53 23.32 -5.95
CA PRO A 999 19.62 24.24 -5.23
C PRO A 999 20.28 24.88 -4.01
N ILE A 1000 21.11 25.89 -4.27
CA ILE A 1000 21.99 26.46 -3.25
C ILE A 1000 21.20 27.11 -2.11
N ASN A 1001 20.15 27.86 -2.44
CA ASN A 1001 19.42 28.59 -1.42
C ASN A 1001 18.61 27.65 -0.52
N THR A 1002 18.07 26.57 -1.09
CA THR A 1002 17.36 25.58 -0.28
C THR A 1002 18.31 24.85 0.66
N MET A 1003 19.46 24.42 0.13
CA MET A 1003 20.41 23.61 0.90
C MET A 1003 21.01 24.42 2.05
N ARG A 1004 21.32 25.69 1.81
CA ARG A 1004 21.89 26.54 2.85
C ARG A 1004 20.90 26.77 3.98
N GLU A 1005 19.62 26.92 3.65
CA GLU A 1005 18.58 27.05 4.68
C GLU A 1005 18.46 25.78 5.51
N MET A 1006 18.57 24.61 4.87
CA MET A 1006 18.54 23.35 5.60
C MET A 1006 19.71 23.24 6.57
N ILE A 1007 20.91 23.62 6.12
CA ILE A 1007 22.08 23.55 7.00
C ILE A 1007 21.94 24.55 8.14
N SER A 1008 21.38 25.73 7.86
CA SER A 1008 21.16 26.72 8.91
C SER A 1008 20.13 26.23 9.93
N ASP A 1009 19.07 25.58 9.48
CA ASP A 1009 18.08 25.03 10.40
C ASP A 1009 18.67 23.91 11.25
N LEU A 1010 19.51 23.07 10.65
CA LEU A 1010 20.19 22.02 11.42
C LEU A 1010 21.10 22.63 12.47
N GLN A 1011 21.86 23.66 12.10
CA GLN A 1011 22.74 24.34 13.05
C GLN A 1011 21.93 25.01 14.16
N GLY A 1012 20.74 25.52 13.83
CA GLY A 1012 19.89 26.10 14.84
C GLY A 1012 19.36 25.08 15.81
N VAL A 1013 18.94 23.92 15.30
CA VAL A 1013 18.42 22.86 16.15
C VAL A 1013 19.49 22.33 17.09
N ILE A 1014 20.71 22.15 16.57
CA ILE A 1014 21.82 21.66 17.39
C ILE A 1014 22.18 22.70 18.46
N ALA A 1015 22.09 23.98 18.12
CA ALA A 1015 22.42 25.03 19.09
C ALA A 1015 21.34 25.19 20.16
N ARG A 1016 20.13 24.71 19.91
CA ARG A 1016 19.03 24.85 20.86
C ARG A 1016 18.85 23.64 21.77
N GLY A 1017 19.81 22.71 21.80
CA GLY A 1017 19.73 21.59 22.69
C GLY A 1017 19.80 20.22 22.04
N ASN A 1018 20.00 20.15 20.73
CA ASN A 1018 20.28 18.91 20.00
C ASN A 1018 19.13 17.91 20.14
N ASN A 1019 17.90 18.39 20.07
CA ASN A 1019 16.72 17.53 20.17
C ASN A 1019 16.62 16.64 18.93
N GLN A 1020 16.20 15.39 19.13
CA GLN A 1020 16.28 14.41 18.06
C GLN A 1020 15.07 14.47 17.13
N THR A 1021 13.89 14.79 17.66
CA THR A 1021 12.71 14.90 16.81
C THR A 1021 12.82 16.10 15.86
N GLU A 1022 13.34 17.22 16.38
CA GLU A 1022 13.59 18.39 15.54
C GLU A 1022 14.62 18.10 14.46
N LYS A 1023 15.65 17.32 14.80
CA LYS A 1023 16.63 16.92 13.80
C LYS A 1023 16.02 15.99 12.77
N ASN A 1024 15.14 15.09 13.21
CA ASN A 1024 14.52 14.14 12.29
C ASN A 1024 13.60 14.84 11.30
N LYS A 1025 13.01 15.96 11.72
CA LYS A 1025 12.21 16.74 10.79
C LYS A 1025 13.05 17.43 9.72
N ILE A 1026 14.37 17.41 9.84
CA ILE A 1026 15.26 18.03 8.86
C ILE A 1026 16.04 16.98 8.06
N ILE A 1027 16.64 16.00 8.75
CA ILE A 1027 17.62 15.13 8.13
C ILE A 1027 17.03 13.87 7.51
N GLU A 1028 15.79 13.52 7.83
CA GLU A 1028 15.17 12.35 7.21
C GLU A 1028 14.84 12.65 5.75
N LEU A 1029 14.99 11.63 4.90
CA LEU A 1029 14.90 11.83 3.46
C LEU A 1029 13.51 12.22 3.01
N ASP A 1030 13.45 13.23 2.15
CA ASP A 1030 12.19 13.61 1.52
C ASP A 1030 11.77 12.54 0.52
N ALA A 1031 10.47 12.25 0.47
CA ALA A 1031 9.97 11.26 -0.46
C ALA A 1031 10.05 11.77 -1.88
N ALA A 1032 10.49 10.92 -2.80
CA ALA A 1032 10.63 11.28 -4.20
C ALA A 1032 9.45 10.83 -5.04
N ASP A 1033 8.53 10.05 -4.48
CA ASP A 1033 7.55 9.32 -5.30
C ASP A 1033 6.47 10.24 -5.83
N ASN A 1034 6.05 11.23 -5.05
CA ASN A 1034 5.00 12.14 -5.51
C ASN A 1034 5.49 13.02 -6.65
N LEU A 1035 6.72 13.52 -6.57
CA LEU A 1035 7.25 14.39 -7.63
C LEU A 1035 7.42 13.62 -8.93
N LYS A 1036 8.05 12.46 -8.88
CA LYS A 1036 8.29 11.77 -10.14
C LYS A 1036 7.04 11.09 -10.65
N GLN A 1037 6.08 10.78 -9.77
CA GLN A 1037 4.75 10.39 -10.25
C GLN A 1037 4.07 11.51 -11.01
N GLY A 1038 4.14 12.73 -10.47
CA GLY A 1038 3.53 13.86 -11.15
C GLY A 1038 4.21 14.22 -12.46
N ILE A 1039 5.53 14.04 -12.52
CA ILE A 1039 6.26 14.30 -13.75
C ILE A 1039 5.97 13.24 -14.80
N VAL A 1040 5.90 11.97 -14.38
CA VAL A 1040 5.57 10.88 -15.31
C VAL A 1040 4.16 11.03 -15.85
N ALA A 1041 3.23 11.52 -15.01
CA ALA A 1041 1.84 11.65 -15.42
C ALA A 1041 1.66 12.57 -16.62
N ASN A 1042 2.52 13.58 -16.77
CA ASN A 1042 2.47 14.45 -17.95
C ASN A 1042 2.77 13.66 -19.22
N MET A 1043 3.81 12.84 -19.19
CA MET A 1043 4.17 12.04 -20.35
C MET A 1043 3.12 10.95 -20.62
N ILE A 1044 2.51 10.43 -19.57
CA ILE A 1044 1.44 9.45 -19.74
C ILE A 1044 0.23 10.08 -20.41
N GLY A 1045 -0.10 11.33 -20.05
CA GLY A 1045 -1.14 12.05 -20.75
C GLY A 1045 -0.80 12.30 -22.21
N ILE A 1046 0.47 12.60 -22.49
CA ILE A 1046 0.91 12.77 -23.89
C ILE A 1046 0.71 11.48 -24.67
N VAL A 1047 1.12 10.35 -24.09
CA VAL A 1047 1.03 9.07 -24.80
C VAL A 1047 -0.43 8.68 -25.01
N ASN A 1048 -1.29 8.96 -24.03
CA ASN A 1048 -2.72 8.70 -24.20
C ASN A 1048 -3.31 9.58 -25.31
N TYR A 1049 -2.90 10.84 -25.39
CA TYR A 1049 -3.36 11.73 -26.45
C TYR A 1049 -2.94 11.21 -27.82
N ILE A 1050 -1.69 10.78 -27.95
CA ILE A 1050 -1.20 10.29 -29.24
C ILE A 1050 -1.85 8.96 -29.61
N PHE A 1051 -2.08 8.11 -28.62
CA PHE A 1051 -2.76 6.83 -28.85
C PHE A 1051 -4.20 7.04 -29.30
N ALA A 1052 -4.88 8.04 -28.72
CA ALA A 1052 -6.24 8.37 -29.14
C ALA A 1052 -6.23 9.05 -30.50
N LYS A 1053 -5.15 9.75 -30.85
CA LYS A 1053 -5.06 10.45 -32.11
C LYS A 1053 -5.13 9.50 -33.29
N TYR A 1054 -4.54 8.33 -33.16
CA TYR A 1054 -4.56 7.31 -34.20
C TYR A 1054 -5.70 6.33 -34.04
N SER A 1055 -6.77 6.73 -33.35
CA SER A 1055 -8.01 5.97 -33.18
C SER A 1055 -7.78 4.61 -32.52
N TYR A 1056 -6.82 4.56 -31.60
CA TYR A 1056 -6.46 3.37 -30.81
C TYR A 1056 -6.00 2.21 -31.68
N LYS A 1057 -5.62 2.47 -32.92
CA LYS A 1057 -5.05 1.44 -33.80
C LYS A 1057 -3.53 1.59 -33.80
N ALA A 1058 -2.93 1.13 -32.71
CA ALA A 1058 -1.51 1.32 -32.51
C ALA A 1058 -0.95 0.20 -31.66
N TYR A 1059 0.35 0.00 -31.78
CA TYR A 1059 1.14 -0.79 -30.85
C TYR A 1059 2.16 0.11 -30.18
N ILE A 1060 2.47 -0.18 -28.93
CA ILE A 1060 3.43 0.59 -28.15
C ILE A 1060 4.64 -0.29 -27.89
N SER A 1061 5.83 0.20 -28.24
CA SER A 1061 7.06 -0.57 -28.17
C SER A 1061 7.95 0.03 -27.08
N LEU A 1062 8.35 -0.80 -26.13
CA LEU A 1062 9.15 -0.38 -25.00
C LEU A 1062 10.39 -1.25 -24.90
N GLU A 1063 11.42 -0.72 -24.26
CA GLU A 1063 12.62 -1.48 -23.95
C GLU A 1063 12.35 -2.37 -22.75
N ASP A 1064 12.94 -3.57 -22.77
CA ASP A 1064 12.97 -4.42 -21.59
C ASP A 1064 14.22 -4.05 -20.80
N LEU A 1065 14.05 -3.12 -19.86
CA LEU A 1065 15.16 -2.64 -19.05
C LEU A 1065 15.32 -3.42 -17.75
N SER A 1066 15.40 -4.75 -17.84
CA SER A 1066 15.42 -5.61 -16.67
C SER A 1066 16.81 -6.01 -16.24
N ARG A 1067 17.77 -6.03 -17.17
CA ARG A 1067 19.10 -6.57 -16.92
C ARG A 1067 20.11 -5.45 -16.82
N ALA A 1068 20.91 -5.47 -15.76
CA ALA A 1068 22.05 -4.59 -15.60
C ALA A 1068 23.28 -5.26 -16.17
N TYR A 1069 23.90 -4.64 -17.17
CA TYR A 1069 25.05 -5.26 -17.82
C TYR A 1069 26.32 -5.11 -16.99
N GLY A 1070 26.42 -4.08 -16.16
CA GLY A 1070 27.58 -3.87 -15.34
C GLY A 1070 27.25 -3.25 -14.01
N GLY A 1071 28.26 -2.79 -13.27
CA GLY A 1071 28.06 -2.20 -11.98
C GLY A 1071 27.77 -0.72 -12.04
N ALA A 1072 27.48 -0.15 -10.88
CA ALA A 1072 27.24 1.28 -10.73
C ALA A 1072 27.67 1.71 -9.34
N LYS A 1073 27.62 3.01 -9.11
CA LYS A 1073 27.87 3.59 -7.79
C LYS A 1073 26.57 4.15 -7.24
N SER A 1074 26.38 3.98 -5.93
CA SER A 1074 25.19 4.49 -5.27
C SER A 1074 25.18 6.01 -5.31
N GLY A 1075 23.98 6.59 -5.27
CA GLY A 1075 23.89 8.03 -5.22
C GLY A 1075 23.99 8.61 -3.84
N TYR A 1076 23.89 7.77 -2.81
CA TYR A 1076 23.96 8.17 -1.41
C TYR A 1076 25.38 8.12 -0.88
N ASP A 1077 26.07 7.03 -1.16
CA ASP A 1077 27.47 6.81 -0.83
C ASP A 1077 28.27 6.73 -2.13
N GLY A 1078 29.53 6.35 -2.01
CA GLY A 1078 30.18 5.86 -3.20
C GLY A 1078 30.04 4.37 -3.41
N ARG A 1079 29.01 3.77 -2.81
CA ARG A 1079 28.92 2.33 -2.67
C ARG A 1079 28.66 1.66 -4.02
N TYR A 1080 29.34 0.54 -4.24
CA TYR A 1080 29.21 -0.20 -5.49
C TYR A 1080 27.88 -0.92 -5.55
N LEU A 1081 27.24 -0.88 -6.73
CA LEU A 1081 26.01 -1.60 -6.99
C LEU A 1081 26.32 -2.74 -7.95
N PRO A 1082 26.02 -3.99 -7.62
CA PRO A 1082 26.37 -5.10 -8.52
C PRO A 1082 25.48 -5.16 -9.74
N SER A 1083 25.87 -6.02 -10.67
CA SER A 1083 25.12 -6.25 -11.89
C SER A 1083 24.20 -7.46 -11.76
N THR A 1084 23.37 -7.67 -12.78
CA THR A 1084 22.46 -8.81 -12.78
C THR A 1084 23.18 -10.13 -12.95
N SER A 1085 24.35 -10.12 -13.61
CA SER A 1085 25.16 -11.33 -13.70
C SER A 1085 25.72 -11.72 -12.34
N GLN A 1086 26.01 -10.73 -11.50
CA GLN A 1086 26.61 -10.97 -10.20
C GLN A 1086 25.55 -11.20 -9.12
N ASP A 1087 24.37 -10.62 -9.28
CA ASP A 1087 23.25 -10.85 -8.37
C ASP A 1087 22.00 -10.89 -9.23
N GLU A 1088 21.36 -12.07 -9.30
CA GLU A 1088 20.29 -12.31 -10.26
C GLU A 1088 19.05 -11.45 -10.02
N ASP A 1089 18.88 -10.89 -8.82
CA ASP A 1089 17.73 -10.03 -8.53
C ASP A 1089 17.98 -8.56 -8.84
N VAL A 1090 19.14 -8.21 -9.38
CA VAL A 1090 19.41 -6.81 -9.70
C VAL A 1090 18.66 -6.41 -10.97
N ASP A 1091 17.89 -5.35 -10.88
CA ASP A 1091 17.13 -4.79 -11.99
C ASP A 1091 17.85 -3.54 -12.46
N PHE A 1092 17.91 -3.32 -13.77
CA PHE A 1092 18.61 -2.15 -14.30
C PHE A 1092 17.90 -0.87 -13.90
N LYS A 1093 16.56 -0.88 -13.89
CA LYS A 1093 15.81 0.31 -13.56
C LYS A 1093 16.03 0.72 -12.11
N GLU A 1094 16.13 -0.26 -11.20
CA GLU A 1094 16.35 0.08 -9.80
C GLU A 1094 17.81 0.40 -9.49
N GLN A 1095 18.74 -0.22 -10.20
CA GLN A 1095 20.14 0.19 -10.12
C GLN A 1095 20.31 1.63 -10.58
N GLN A 1096 19.64 2.00 -11.67
CA GLN A 1096 19.65 3.37 -12.15
C GLN A 1096 18.93 4.30 -11.18
N ASN A 1097 17.90 3.79 -10.50
CA ASN A 1097 17.22 4.56 -9.46
C ASN A 1097 18.14 4.83 -8.28
N GLN A 1098 18.92 3.83 -7.86
CA GLN A 1098 19.82 4.00 -6.73
C GLN A 1098 21.02 4.87 -7.09
N MET A 1099 21.45 4.83 -8.35
CA MET A 1099 22.53 5.69 -8.81
C MET A 1099 22.14 7.16 -8.74
N LEU A 1100 20.87 7.46 -8.99
CA LEU A 1100 20.34 8.82 -8.99
C LEU A 1100 19.82 9.25 -7.64
N ALA A 1101 20.18 8.52 -6.57
CA ALA A 1101 19.70 8.76 -5.21
C ALA A 1101 18.17 8.72 -5.13
N GLY A 1102 17.57 7.76 -5.81
CA GLY A 1102 16.14 7.54 -5.70
C GLY A 1102 15.26 8.36 -6.62
N LEU A 1103 15.79 8.87 -7.73
CA LEU A 1103 15.04 9.75 -8.62
C LEU A 1103 14.94 9.19 -10.04
N GLY A 1104 14.96 7.87 -10.20
CA GLY A 1104 14.77 7.29 -11.53
C GLY A 1104 13.29 7.13 -11.84
N THR A 1105 12.93 7.34 -13.11
CA THR A 1105 11.54 7.37 -13.52
C THR A 1105 11.16 6.29 -14.52
N TYR A 1106 11.98 5.26 -14.70
CA TYR A 1106 11.70 4.23 -15.69
C TYR A 1106 10.50 3.36 -15.30
N GLN A 1107 10.54 2.80 -14.09
CA GLN A 1107 9.49 1.89 -13.66
C GLN A 1107 8.18 2.63 -13.41
N PHE A 1108 8.27 3.88 -12.96
CA PHE A 1108 7.07 4.70 -12.83
C PHE A 1108 6.40 4.89 -14.19
N PHE A 1109 7.20 5.13 -15.23
CA PHE A 1109 6.68 5.29 -16.58
C PHE A 1109 6.00 4.02 -17.06
N GLU A 1110 6.64 2.86 -16.85
CA GLU A 1110 6.06 1.58 -17.24
C GLU A 1110 4.73 1.33 -16.52
N MET A 1111 4.74 1.43 -15.19
CA MET A 1111 3.57 1.09 -14.40
C MET A 1111 2.40 2.02 -14.69
N GLN A 1112 2.68 3.32 -14.79
CA GLN A 1112 1.61 4.27 -15.05
C GLN A 1112 1.06 4.15 -16.47
N LEU A 1113 1.91 3.86 -17.46
CA LEU A 1113 1.43 3.63 -18.81
C LEU A 1113 0.53 2.40 -18.86
N LEU A 1114 0.94 1.33 -18.19
CA LEU A 1114 0.17 0.09 -18.25
C LEU A 1114 -1.13 0.19 -17.47
N LYS A 1115 -1.13 0.98 -16.40
CA LYS A 1115 -2.38 1.21 -15.68
C LYS A 1115 -3.31 2.16 -16.42
N LYS A 1116 -2.77 3.08 -17.21
CA LYS A 1116 -3.60 3.91 -18.07
C LYS A 1116 -4.23 3.10 -19.19
N LEU A 1117 -3.49 2.14 -19.77
CA LEU A 1117 -3.97 1.48 -20.97
C LEU A 1117 -5.00 0.40 -20.70
N GLN A 1118 -5.31 0.09 -19.45
CA GLN A 1118 -6.26 -0.97 -19.16
C GLN A 1118 -7.66 -0.46 -18.84
N LYS A 1119 -7.83 0.85 -18.68
CA LYS A 1119 -9.10 1.44 -18.28
C LYS A 1119 -9.38 2.73 -19.04
N ILE A 1120 -9.11 2.74 -20.34
CA ILE A 1120 -9.27 3.95 -21.14
C ILE A 1120 -10.75 4.24 -21.36
N GLN A 1121 -11.15 5.49 -21.11
CA GLN A 1121 -12.54 5.92 -21.19
C GLN A 1121 -12.84 6.49 -22.58
N SER A 1122 -14.00 6.13 -23.14
CA SER A 1122 -14.57 6.87 -24.26
C SER A 1122 -16.00 7.27 -23.88
N ASP A 1123 -16.08 8.28 -23.02
CA ASP A 1123 -17.23 9.12 -22.67
C ASP A 1123 -18.37 8.42 -21.94
N ASN A 1124 -18.50 7.10 -22.07
CA ASN A 1124 -19.28 6.26 -21.17
C ASN A 1124 -18.69 4.87 -21.00
N THR A 1125 -17.78 4.48 -21.88
CA THR A 1125 -17.33 3.10 -21.99
C THR A 1125 -15.87 3.01 -21.61
N VAL A 1126 -15.50 1.87 -21.04
CA VAL A 1126 -14.12 1.57 -20.67
C VAL A 1126 -13.56 0.63 -21.72
N LEU A 1127 -12.42 1.01 -22.28
CA LEU A 1127 -11.72 0.21 -23.29
C LEU A 1127 -10.43 -0.33 -22.70
N ARG A 1128 -10.16 -1.60 -22.92
CA ARG A 1128 -9.02 -2.29 -22.36
C ARG A 1128 -8.06 -2.66 -23.49
N PHE A 1129 -6.79 -2.29 -23.35
CA PHE A 1129 -5.79 -2.52 -24.39
C PHE A 1129 -4.63 -3.39 -23.93
N VAL A 1130 -4.43 -3.55 -22.62
CA VAL A 1130 -3.41 -4.46 -22.09
C VAL A 1130 -4.14 -5.47 -21.22
N PRO A 1131 -3.60 -6.68 -21.01
CA PRO A 1131 -4.32 -7.66 -20.20
C PRO A 1131 -4.41 -7.23 -18.73
N ALA A 1132 -5.34 -7.86 -18.02
CA ALA A 1132 -5.55 -7.55 -16.62
C ALA A 1132 -4.34 -7.96 -15.79
N PHE A 1133 -3.93 -7.09 -14.88
CA PHE A 1133 -2.77 -7.34 -14.04
C PHE A 1133 -2.92 -6.53 -12.76
N ARG A 1134 -2.26 -6.99 -11.70
CA ARG A 1134 -2.25 -6.27 -10.44
C ARG A 1134 -0.84 -5.86 -10.05
N SER A 1135 0.06 -6.83 -10.01
CA SER A 1135 1.42 -6.58 -9.57
C SER A 1135 2.36 -6.40 -10.76
N ALA A 1136 3.61 -6.10 -10.45
CA ALA A 1136 4.60 -5.93 -11.50
C ALA A 1136 5.03 -7.26 -12.08
N ASP A 1137 4.86 -8.34 -11.33
CA ASP A 1137 5.17 -9.68 -11.83
C ASP A 1137 4.05 -10.26 -12.68
N ASN A 1138 3.00 -9.50 -12.94
CA ASN A 1138 1.94 -9.97 -13.82
C ASN A 1138 2.13 -9.51 -15.26
N TYR A 1139 2.81 -8.38 -15.49
CA TYR A 1139 3.19 -7.98 -16.84
C TYR A 1139 4.62 -8.36 -17.17
N ARG A 1140 5.52 -8.32 -16.21
CA ARG A 1140 6.73 -9.13 -16.28
C ARG A 1140 6.35 -10.58 -16.01
N ASN A 1141 7.29 -11.49 -16.26
CA ASN A 1141 7.05 -12.94 -16.16
C ASN A 1141 5.89 -13.35 -17.07
N ILE A 1142 6.06 -13.08 -18.37
CA ILE A 1142 5.10 -13.47 -19.39
C ILE A 1142 5.86 -14.15 -20.51
N LEU A 1143 5.12 -14.84 -21.37
CA LEU A 1143 5.75 -15.57 -22.47
C LEU A 1143 6.28 -14.61 -23.53
N ARG A 1144 7.37 -15.02 -24.17
CA ARG A 1144 7.92 -14.26 -25.28
C ARG A 1144 7.37 -14.76 -26.60
N LEU A 1145 7.09 -13.83 -27.51
CA LEU A 1145 6.81 -14.21 -28.88
C LEU A 1145 8.06 -14.76 -29.54
N GLU A 1146 7.89 -15.85 -30.28
CA GLU A 1146 9.00 -16.58 -30.88
C GLU A 1146 8.73 -16.76 -32.37
N GLU A 1147 9.71 -17.39 -33.05
CA GLU A 1147 9.73 -17.52 -34.51
C GLU A 1147 9.63 -16.14 -35.17
N THR A 1148 10.42 -15.20 -34.66
CA THR A 1148 10.40 -13.82 -35.12
C THR A 1148 11.82 -13.28 -35.21
N LYS A 1149 11.95 -12.06 -35.71
CA LYS A 1149 13.26 -11.48 -35.94
C LYS A 1149 13.92 -11.07 -34.63
N TYR A 1150 13.17 -10.41 -33.75
CA TYR A 1150 13.70 -9.91 -32.49
C TYR A 1150 12.90 -10.48 -31.33
N LYS A 1151 13.55 -10.58 -30.18
CA LYS A 1151 12.87 -11.03 -28.97
C LYS A 1151 11.93 -9.95 -28.45
N SER A 1152 10.74 -10.38 -28.03
CA SER A 1152 9.73 -9.46 -27.55
C SER A 1152 8.82 -10.18 -26.56
N LYS A 1153 8.31 -9.42 -25.60
CA LYS A 1153 7.31 -9.92 -24.66
C LYS A 1153 6.00 -9.17 -24.90
N PRO A 1154 5.00 -9.77 -25.54
CA PRO A 1154 3.76 -9.05 -25.85
C PRO A 1154 2.87 -8.96 -24.61
N PHE A 1155 2.48 -7.74 -24.26
CA PHE A 1155 1.49 -7.50 -23.23
C PHE A 1155 0.38 -6.63 -23.81
N GLY A 1156 -0.56 -7.27 -24.48
CA GLY A 1156 -1.60 -6.52 -25.18
C GLY A 1156 -1.03 -5.78 -26.37
N VAL A 1157 -1.29 -4.48 -26.42
CA VAL A 1157 -0.71 -3.64 -27.47
C VAL A 1157 0.71 -3.24 -27.14
N VAL A 1158 1.19 -3.53 -25.93
CA VAL A 1158 2.51 -3.14 -25.49
C VAL A 1158 3.47 -4.30 -25.68
N HIS A 1159 4.58 -4.05 -26.38
CA HIS A 1159 5.62 -5.03 -26.63
C HIS A 1159 6.89 -4.56 -25.94
N PHE A 1160 7.53 -5.47 -25.21
CA PHE A 1160 8.80 -5.18 -24.53
C PHE A 1160 9.91 -5.86 -25.31
N ILE A 1161 10.61 -5.09 -26.11
CA ILE A 1161 11.69 -5.63 -26.93
C ILE A 1161 13.00 -5.55 -26.16
N ASP A 1162 14.00 -6.27 -26.64
CA ASP A 1162 15.33 -6.20 -26.05
C ASP A 1162 16.01 -4.88 -26.43
N PRO A 1163 16.62 -4.18 -25.48
CA PRO A 1163 17.16 -2.85 -25.78
C PRO A 1163 18.49 -2.87 -26.54
N LYS A 1164 18.94 -4.02 -27.03
CA LYS A 1164 20.27 -4.11 -27.60
C LYS A 1164 20.31 -3.55 -29.01
N PHE A 1165 21.29 -2.67 -29.27
CA PHE A 1165 21.49 -2.02 -30.56
C PHE A 1165 20.27 -1.24 -31.04
N THR A 1166 19.70 -0.45 -30.14
CA THR A 1166 18.68 0.51 -30.54
C THR A 1166 19.26 1.91 -30.68
N SER A 1167 20.22 2.26 -29.83
CA SER A 1167 20.92 3.53 -29.93
C SER A 1167 22.17 3.42 -30.79
N LYS A 1168 22.86 2.29 -30.73
CA LYS A 1168 24.07 2.07 -31.52
C LYS A 1168 23.74 1.31 -32.82
N LYS A 1169 23.03 2.00 -33.70
CA LYS A 1169 22.72 1.48 -35.03
C LYS A 1169 22.48 2.66 -35.96
N CYS A 1170 22.88 2.50 -37.21
CA CYS A 1170 22.68 3.57 -38.17
C CYS A 1170 21.28 3.47 -38.78
N PRO A 1171 20.54 4.58 -38.87
CA PRO A 1171 19.23 4.53 -39.52
C PRO A 1171 19.28 4.19 -40.99
N VAL A 1172 20.42 4.42 -41.65
CA VAL A 1172 20.54 4.24 -43.08
C VAL A 1172 21.06 2.85 -43.43
N CYS A 1173 22.29 2.54 -43.00
CA CYS A 1173 22.96 1.31 -43.40
C CYS A 1173 22.80 0.18 -42.38
N SER A 1174 22.17 0.44 -41.24
CA SER A 1174 21.95 -0.51 -40.15
C SER A 1174 23.23 -1.09 -39.58
N LYS A 1175 24.36 -0.39 -39.73
CA LYS A 1175 25.59 -0.82 -39.11
C LYS A 1175 25.73 -0.20 -37.73
N THR A 1176 26.45 -0.88 -36.86
CA THR A 1176 26.58 -0.47 -35.46
C THR A 1176 27.87 0.25 -35.16
N ASN A 1177 28.64 0.63 -36.19
CA ASN A 1177 29.89 1.38 -35.97
C ASN A 1177 29.55 2.87 -36.02
N VAL A 1178 28.81 3.31 -34.99
CA VAL A 1178 28.36 4.68 -34.87
C VAL A 1178 28.81 5.22 -33.53
N TYR A 1179 28.72 6.53 -33.37
CA TYR A 1179 28.99 7.18 -32.10
C TYR A 1179 28.14 8.43 -31.97
N ARG A 1180 27.91 8.85 -30.73
CA ARG A 1180 27.11 10.02 -30.44
C ARG A 1180 28.05 11.18 -30.12
N ASP A 1181 27.91 12.27 -30.86
CA ASP A 1181 28.84 13.39 -30.80
C ASP A 1181 28.61 14.16 -29.49
N LYS A 1182 29.41 15.21 -29.27
CA LYS A 1182 29.32 15.97 -28.02
C LYS A 1182 28.00 16.71 -27.87
N ASP A 1183 27.28 16.94 -28.96
CA ASP A 1183 25.95 17.53 -28.92
C ASP A 1183 24.85 16.47 -29.04
N ASP A 1184 25.17 15.21 -28.72
CA ASP A 1184 24.32 14.04 -28.91
C ASP A 1184 23.90 13.86 -30.37
N ILE A 1185 24.74 14.32 -31.31
CA ILE A 1185 24.49 14.05 -32.72
C ILE A 1185 24.97 12.64 -33.04
N LEU A 1186 24.10 11.87 -33.68
CA LEU A 1186 24.49 10.54 -34.14
C LEU A 1186 25.31 10.64 -35.42
N VAL A 1187 26.50 10.05 -35.39
CA VAL A 1187 27.42 10.06 -36.53
C VAL A 1187 27.76 8.61 -36.86
N CYS A 1188 27.63 8.25 -38.13
CA CYS A 1188 28.00 6.91 -38.60
C CYS A 1188 29.37 6.95 -39.23
N LYS A 1189 30.24 6.02 -38.79
CA LYS A 1189 31.61 5.99 -39.27
C LYS A 1189 31.77 5.19 -40.55
N GLU A 1190 30.71 4.54 -41.05
CA GLU A 1190 30.82 3.69 -42.21
C GLU A 1190 29.97 4.12 -43.40
N CYS A 1191 29.13 5.12 -43.25
CA CYS A 1191 28.42 5.66 -44.41
C CYS A 1191 28.30 7.17 -44.39
N GLY A 1192 28.86 7.87 -43.40
CA GLY A 1192 28.83 9.31 -43.36
C GLY A 1192 27.52 9.92 -42.90
N PHE A 1193 26.62 9.13 -42.33
CA PHE A 1193 25.36 9.68 -41.84
C PHE A 1193 25.59 10.56 -40.62
N ARG A 1194 24.94 11.72 -40.61
CA ARG A 1194 24.97 12.64 -39.48
C ARG A 1194 23.56 13.15 -39.23
N SER A 1195 23.17 13.21 -37.96
CA SER A 1195 21.85 13.74 -37.61
C SER A 1195 21.77 15.25 -37.75
N ASP A 1196 22.90 15.94 -37.92
CA ASP A 1196 22.87 17.39 -38.06
C ASP A 1196 22.42 17.85 -39.44
N SER A 1197 22.46 16.96 -40.44
CA SER A 1197 22.02 17.29 -41.79
C SER A 1197 20.52 17.00 -41.95
N GLN A 1198 19.72 17.84 -41.30
CA GLN A 1198 18.28 17.63 -41.25
C GLN A 1198 17.55 18.13 -42.49
N LEU A 1199 18.22 18.87 -43.36
CA LEU A 1199 17.57 19.40 -44.56
C LEU A 1199 17.71 18.51 -45.77
N LYS A 1200 18.54 17.47 -45.70
CA LYS A 1200 18.64 16.49 -46.78
C LYS A 1200 17.55 15.45 -46.56
N GLU A 1201 16.54 15.47 -47.42
CA GLU A 1201 15.40 14.57 -47.30
C GLU A 1201 15.79 13.15 -47.65
N ARG A 1202 15.36 12.20 -46.80
CA ARG A 1202 15.68 10.79 -46.97
C ARG A 1202 14.39 9.97 -47.05
N GLU A 1203 14.53 8.73 -47.47
CA GLU A 1203 13.38 7.83 -47.52
C GLU A 1203 12.94 7.47 -46.11
N ASN A 1204 11.65 7.13 -45.98
CA ASN A 1204 11.01 6.79 -44.70
C ASN A 1204 11.15 7.90 -43.66
N ASN A 1205 11.38 9.13 -44.12
CA ASN A 1205 11.57 10.32 -43.29
C ASN A 1205 12.68 10.13 -42.27
N ILE A 1206 13.80 9.51 -42.67
CA ILE A 1206 14.93 9.28 -41.78
C ILE A 1206 15.58 10.59 -41.37
N HIS A 1207 15.42 11.66 -42.17
CA HIS A 1207 15.92 12.97 -41.80
C HIS A 1207 15.22 13.56 -40.59
N TYR A 1208 14.11 12.97 -40.15
CA TYR A 1208 13.44 13.41 -38.93
C TYR A 1208 14.24 13.11 -37.67
N ILE A 1209 15.22 12.22 -37.75
CA ILE A 1209 16.03 11.83 -36.60
C ILE A 1209 17.06 12.94 -36.37
N HIS A 1210 17.07 13.49 -35.15
CA HIS A 1210 17.93 14.62 -34.82
C HIS A 1210 18.99 14.30 -33.77
N ASN A 1211 18.77 13.26 -32.96
CA ASN A 1211 19.63 12.97 -31.82
C ASN A 1211 19.96 11.48 -31.82
N GLY A 1212 20.60 11.05 -30.74
CA GLY A 1212 20.67 9.64 -30.41
C GLY A 1212 19.46 9.10 -29.69
N ASP A 1213 18.70 9.98 -29.03
CA ASP A 1213 17.43 9.60 -28.40
C ASP A 1213 16.34 9.41 -29.45
N ASP A 1214 16.31 10.27 -30.47
CA ASP A 1214 15.44 10.06 -31.61
C ASP A 1214 15.78 8.76 -32.32
N ASN A 1215 17.07 8.46 -32.49
CA ASN A 1215 17.50 7.21 -33.07
C ASN A 1215 17.10 6.01 -32.22
N GLY A 1216 17.24 6.13 -30.90
CA GLY A 1216 16.81 5.05 -30.02
C GLY A 1216 15.33 4.78 -30.09
N ALA A 1217 14.50 5.84 -30.08
CA ALA A 1217 13.06 5.67 -30.19
C ALA A 1217 12.67 5.09 -31.56
N TYR A 1218 13.33 5.55 -32.62
CA TYR A 1218 13.06 5.02 -33.95
C TYR A 1218 13.37 3.53 -34.04
N HIS A 1219 14.50 3.11 -33.50
CA HIS A 1219 14.85 1.70 -33.57
C HIS A 1219 14.04 0.83 -32.61
N ILE A 1220 13.61 1.39 -31.48
CA ILE A 1220 12.68 0.70 -30.59
C ILE A 1220 11.37 0.44 -31.30
N ALA A 1221 10.86 1.43 -32.03
CA ALA A 1221 9.65 1.21 -32.82
C ALA A 1221 9.91 0.25 -33.98
N LEU A 1222 11.11 0.30 -34.57
CA LEU A 1222 11.39 -0.44 -35.79
C LEU A 1222 11.52 -1.94 -35.51
N LYS A 1223 12.08 -2.31 -34.36
CA LYS A 1223 12.15 -3.73 -34.01
C LYS A 1223 10.76 -4.33 -33.88
N SER A 1224 9.84 -3.60 -33.26
CA SER A 1224 8.45 -4.04 -33.15
C SER A 1224 7.74 -4.03 -34.50
N VAL A 1225 8.03 -3.05 -35.36
CA VAL A 1225 7.48 -3.05 -36.72
C VAL A 1225 7.91 -4.30 -37.48
N GLU A 1226 9.21 -4.63 -37.41
CA GLU A 1226 9.75 -5.71 -38.20
C GLU A 1226 9.32 -7.07 -37.66
N ASN A 1227 9.06 -7.18 -36.36
CA ASN A 1227 8.54 -8.47 -35.91
C ASN A 1227 7.02 -8.54 -36.00
N LEU A 1228 6.32 -7.41 -36.08
CA LEU A 1228 4.89 -7.43 -36.36
C LEU A 1228 4.61 -7.81 -37.80
N ILE A 1229 5.52 -7.47 -38.71
CA ILE A 1229 5.37 -7.87 -40.10
C ILE A 1229 5.40 -9.39 -40.23
N GLN A 1230 6.37 -10.03 -39.58
CA GLN A 1230 6.49 -11.48 -39.68
C GLN A 1230 5.44 -12.19 -38.83
N MET A 1231 5.09 -11.62 -37.68
CA MET A 1231 4.19 -12.29 -36.76
C MET A 1231 2.78 -12.44 -37.34
N LYS A 1232 2.30 -11.43 -38.04
CA LYS A 1232 0.98 -11.50 -38.66
C LYS A 1232 1.09 -11.45 -40.19
#